data_6C9E
#
_entry.id   6C9E
#
_cell.length_a   60.400
_cell.length_b   71.150
_cell.length_c   113.470
_cell.angle_alpha   90.000
_cell.angle_beta   102.360
_cell.angle_gamma   90.000
#
_symmetry.space_group_name_H-M   'P 1 21 1'
#
loop_
_entity.id
_entity.type
_entity.pdbx_description
1 polymer 'Cysteine desulfurase'
2 non-polymer 'ZINC ION'
3 non-polymer 1,2-ETHANEDIOL
4 water water
#
_entity_poly.entity_id   1
_entity_poly.type   'polypeptide(L)'
_entity_poly.pdbx_seq_one_letter_code
;MAHHHHHHMSTNPSLMTSFDVNKIRKDFPVLHQKINEYDLVYFDNAATTQKPKAVIDAIAQFYEKDNSNVHRGVHALSVR
ATEMYEAARAKVKRFINARSPRECIFVRGTTEAINLVAQSLVAPRILPDEEILITHMEHHSNIVPWQMVCKKMGCKLQVA
PISLNGEVILEEFERKLNENTKMVAINYASNSLGTINPVKTMIKMAHEVGAKVLLDGAQATAHLIVDVQDLDCDFYAFSG
H(LLP)MYGPTGIGVLWGKEELLNSMTPYQGGGEMINSVSFEATEYAAIPHKFEAGTPNIAGAIGLAAAIDYIWSLDLDA
IAEYETQLLNYATKAIEAVKGYNIIGTAANKVPIISFVHGKIHAHDIGTILDSEGIAIRSGHHCTMPLMDFYDVAATSRI
SMSFYNTFKEIDYCMEALQRVKEVFA
;
_entity_poly.pdbx_strand_id   A,B
#
# COMPACT_ATOMS: atom_id res chain seq x y z
N SER A 18 -36.85 -3.01 10.49
CA SER A 18 -36.34 -2.74 11.83
C SER A 18 -34.92 -2.20 11.77
N PHE A 19 -34.28 -2.32 10.62
CA PHE A 19 -32.94 -1.76 10.43
C PHE A 19 -33.08 -0.25 10.25
N ASP A 20 -32.46 0.52 11.16
CA ASP A 20 -32.62 1.97 11.20
C ASP A 20 -31.69 2.65 10.19
N VAL A 21 -32.05 2.53 8.92
CA VAL A 21 -31.18 3.03 7.85
C VAL A 21 -31.08 4.55 7.89
N ASN A 22 -32.15 5.25 8.29
CA ASN A 22 -32.06 6.71 8.36
C ASN A 22 -31.02 7.16 9.38
N LYS A 23 -30.95 6.48 10.53
CA LYS A 23 -29.92 6.82 11.50
C LYS A 23 -28.53 6.49 10.97
N ILE A 24 -28.37 5.32 10.35
CA ILE A 24 -27.07 4.90 9.84
CA ILE A 24 -27.07 4.90 9.84
C ILE A 24 -26.57 5.86 8.75
N ARG A 25 -27.48 6.33 7.90
CA ARG A 25 -27.04 7.24 6.84
C ARG A 25 -26.44 8.52 7.39
N LYS A 26 -26.85 8.96 8.58
CA LYS A 26 -26.25 10.14 9.19
CA LYS A 26 -26.25 10.14 9.17
C LYS A 26 -24.77 9.95 9.47
N ASP A 27 -24.30 8.70 9.52
CA ASP A 27 -22.89 8.45 9.79
C ASP A 27 -22.02 8.65 8.56
N PHE A 28 -22.60 8.80 7.37
CA PHE A 28 -21.84 8.79 6.12
C PHE A 28 -21.95 10.14 5.44
N PRO A 29 -21.04 11.07 5.71
CA PRO A 29 -21.20 12.44 5.21
C PRO A 29 -21.28 12.54 3.68
N VAL A 30 -20.58 11.66 2.96
CA VAL A 30 -20.55 11.76 1.51
C VAL A 30 -21.92 11.52 0.89
N LEU A 31 -22.83 10.86 1.61
CA LEU A 31 -24.14 10.56 1.04
C LEU A 31 -25.02 11.79 0.90
N HIS A 32 -24.67 12.85 1.60
CA HIS A 32 -25.53 14.02 1.72
C HIS A 32 -25.03 15.13 0.82
N GLN A 33 -25.17 14.89 -0.49
CA GLN A 33 -24.81 15.87 -1.49
C GLN A 33 -25.64 15.66 -2.73
N LYS A 34 -25.65 16.68 -3.58
CA LYS A 34 -26.36 16.65 -4.85
C LYS A 34 -25.36 16.57 -5.99
N ILE A 35 -25.78 15.87 -7.04
CA ILE A 35 -25.10 15.83 -8.31
C ILE A 35 -25.96 16.66 -9.26
N ASN A 36 -25.56 17.90 -9.50
CA ASN A 36 -26.42 18.89 -10.17
C ASN A 36 -27.66 19.05 -9.29
N GLU A 37 -28.87 18.94 -9.82
CA GLU A 37 -30.03 19.16 -8.97
C GLU A 37 -30.51 17.91 -8.26
N TYR A 38 -29.82 16.78 -8.42
CA TYR A 38 -30.32 15.47 -8.01
C TYR A 38 -29.58 14.97 -6.78
N ASP A 39 -30.31 14.38 -5.84
CA ASP A 39 -29.64 13.72 -4.73
C ASP A 39 -28.75 12.59 -5.24
N LEU A 40 -27.55 12.48 -4.68
CA LEU A 40 -26.69 11.35 -4.96
C LEU A 40 -27.40 10.07 -4.57
N VAL A 41 -27.37 9.07 -5.46
CA VAL A 41 -27.84 7.72 -5.14
C VAL A 41 -26.63 6.82 -5.39
N TYR A 42 -25.94 6.38 -4.34
CA TYR A 42 -24.65 5.71 -4.53
C TYR A 42 -24.87 4.21 -4.60
N PHE A 43 -24.92 3.69 -5.84
CA PHE A 43 -25.14 2.27 -6.11
C PHE A 43 -23.92 1.62 -6.75
N ASP A 44 -22.71 2.04 -6.34
CA ASP A 44 -21.46 1.51 -6.90
C ASP A 44 -20.57 0.98 -5.80
N ASN A 45 -21.19 0.36 -4.80
CA ASN A 45 -20.44 -0.11 -3.64
C ASN A 45 -19.51 -1.28 -3.93
N ALA A 46 -19.78 -2.06 -4.99
CA ALA A 46 -18.84 -3.13 -5.33
C ALA A 46 -17.54 -2.58 -5.90
N ALA A 47 -17.54 -1.33 -6.41
CA ALA A 47 -16.30 -0.71 -6.83
C ALA A 47 -15.53 -0.16 -5.64
N THR A 48 -16.24 0.59 -4.78
CA THR A 48 -15.70 0.96 -3.48
C THR A 48 -16.85 1.44 -2.63
N THR A 49 -16.66 1.37 -1.31
CA THR A 49 -17.70 1.78 -0.37
C THR A 49 -17.40 3.17 0.20
N GLN A 50 -18.42 3.75 0.79
CA GLN A 50 -18.26 5.01 1.50
C GLN A 50 -17.93 4.73 2.97
N LYS A 51 -17.39 5.79 3.66
CA LYS A 51 -16.84 5.62 5.01
C LYS A 51 -17.69 6.34 6.04
N PRO A 52 -17.86 5.72 7.20
CA PRO A 52 -18.53 6.40 8.30
C PRO A 52 -17.59 7.39 8.97
N LYS A 53 -18.18 8.39 9.63
CA LYS A 53 -17.39 9.37 10.37
C LYS A 53 -16.39 8.69 11.33
N ALA A 54 -16.79 7.58 11.96
CA ALA A 54 -15.88 6.92 12.91
C ALA A 54 -14.58 6.51 12.25
N VAL A 55 -14.63 6.11 10.98
CA VAL A 55 -13.42 5.71 10.27
C VAL A 55 -12.61 6.93 9.90
N ILE A 56 -13.27 7.95 9.34
CA ILE A 56 -12.58 9.18 8.98
C ILE A 56 -11.92 9.79 10.21
N ASP A 57 -12.63 9.80 11.34
CA ASP A 57 -12.10 10.37 12.56
C ASP A 57 -10.94 9.56 13.11
N ALA A 58 -10.98 8.23 12.98
CA ALA A 58 -9.87 7.42 13.48
C ALA A 58 -8.58 7.78 12.76
N ILE A 59 -8.65 7.98 11.43
CA ILE A 59 -7.47 8.33 10.65
C ILE A 59 -6.97 9.72 11.06
N ALA A 60 -7.86 10.71 11.12
CA ALA A 60 -7.43 12.05 11.50
C ALA A 60 -6.85 12.07 12.90
N GLN A 61 -7.50 11.38 13.85
CA GLN A 61 -7.02 11.37 15.22
C GLN A 61 -5.63 10.74 15.32
N PHE A 62 -5.36 9.69 14.54
CA PHE A 62 -4.02 9.12 14.54
C PHE A 62 -2.98 10.17 14.17
N TYR A 63 -3.23 10.92 13.10
CA TYR A 63 -2.24 11.93 12.70
C TYR A 63 -2.21 13.12 13.65
N GLU A 64 -3.32 13.41 14.34
CA GLU A 64 -3.37 14.54 15.24
C GLU A 64 -2.76 14.22 16.60
N LYS A 65 -2.69 12.95 16.98
CA LYS A 65 -2.31 12.62 18.36
C LYS A 65 -1.17 11.63 18.47
N ASP A 66 -1.12 10.60 17.60
CA ASP A 66 -0.33 9.40 17.92
C ASP A 66 0.74 9.07 16.88
N ASN A 67 0.80 9.80 15.78
CA ASN A 67 1.63 9.38 14.66
C ASN A 67 3.09 9.24 15.05
N SER A 68 3.68 8.12 14.62
CA SER A 68 5.09 7.76 14.77
C SER A 68 5.26 6.43 14.04
N ASN A 69 6.51 6.04 13.82
CA ASN A 69 6.70 4.77 13.15
C ASN A 69 6.59 3.67 14.18
N VAL A 70 6.41 2.46 13.71
CA VAL A 70 6.04 1.34 14.57
C VAL A 70 7.21 0.35 14.67
N HIS A 71 7.31 -0.28 15.86
CA HIS A 71 8.29 -1.29 16.23
C HIS A 71 9.67 -0.71 16.51
N ARG A 72 10.39 -1.35 17.41
CA ARG A 72 11.78 -0.99 17.71
C ARG A 72 11.91 0.47 18.11
N GLY A 73 10.88 1.01 18.76
CA GLY A 73 10.92 2.39 19.22
C GLY A 73 11.03 2.48 20.73
N VAL A 74 11.54 3.62 21.20
CA VAL A 74 11.68 3.84 22.63
C VAL A 74 10.77 4.93 23.15
N HIS A 75 10.16 5.71 22.27
CA HIS A 75 9.50 6.91 22.75
C HIS A 75 7.99 6.74 22.73
N ALA A 76 7.33 7.62 23.48
CA ALA A 76 5.93 7.42 23.85
C ALA A 76 5.02 7.26 22.64
N LEU A 77 5.14 8.15 21.65
CA LEU A 77 4.25 8.04 20.50
CA LEU A 77 4.28 8.06 20.46
C LEU A 77 4.53 6.76 19.70
N SER A 78 5.79 6.37 19.56
CA SER A 78 6.06 5.12 18.85
CA SER A 78 6.07 5.13 18.85
CA SER A 78 6.07 5.13 18.85
C SER A 78 5.47 3.93 19.59
N VAL A 79 5.58 3.92 20.91
CA VAL A 79 4.99 2.84 21.70
C VAL A 79 3.47 2.83 21.51
N ARG A 80 2.83 4.01 21.54
CA ARG A 80 1.38 4.07 21.38
C ARG A 80 0.98 3.61 19.99
N ALA A 81 1.67 4.13 18.96
CA ALA A 81 1.31 3.78 17.59
C ALA A 81 1.49 2.30 17.34
N THR A 82 2.57 1.72 17.89
CA THR A 82 2.81 0.28 17.70
C THR A 82 1.71 -0.54 18.34
N GLU A 83 1.30 -0.17 19.56
CA GLU A 83 0.20 -0.89 20.19
C GLU A 83 -1.07 -0.79 19.35
N MET A 84 -1.34 0.40 18.79
CA MET A 84 -2.54 0.58 17.98
C MET A 84 -2.48 -0.26 16.71
N TYR A 85 -1.31 -0.28 16.08
CA TYR A 85 -1.13 -1.05 14.84
C TYR A 85 -1.31 -2.55 15.10
N GLU A 86 -0.65 -3.07 16.13
CA GLU A 86 -0.80 -4.50 16.42
C GLU A 86 -2.20 -4.81 16.96
N ALA A 87 -2.85 -3.85 17.63
CA ALA A 87 -4.23 -4.09 18.04
C ALA A 87 -5.15 -4.16 16.82
N ALA A 88 -4.85 -3.38 15.79
CA ALA A 88 -5.62 -3.49 14.54
C ALA A 88 -5.45 -4.88 13.95
N ARG A 89 -4.23 -5.42 13.95
CA ARG A 89 -4.03 -6.77 13.48
C ARG A 89 -4.84 -7.77 14.29
N ALA A 90 -4.87 -7.58 15.61
CA ALA A 90 -5.65 -8.48 16.45
C ALA A 90 -7.14 -8.38 16.13
N LYS A 91 -7.62 -7.17 15.80
CA LYS A 91 -9.02 -7.02 15.45
C LYS A 91 -9.35 -7.72 14.14
N VAL A 92 -8.41 -7.68 13.19
CA VAL A 92 -8.57 -8.44 11.95
C VAL A 92 -8.72 -9.92 12.26
N LYS A 93 -7.83 -10.45 13.12
CA LYS A 93 -7.92 -11.85 13.52
CA LYS A 93 -7.92 -11.85 13.51
C LYS A 93 -9.31 -12.18 14.05
N ARG A 94 -9.84 -11.35 14.93
CA ARG A 94 -11.17 -11.62 15.47
C ARG A 94 -12.24 -11.56 14.39
N PHE A 95 -12.10 -10.59 13.48
CA PHE A 95 -13.07 -10.35 12.43
C PHE A 95 -13.22 -11.53 11.48
N ILE A 96 -12.12 -12.25 11.20
CA ILE A 96 -12.17 -13.39 10.28
C ILE A 96 -12.03 -14.72 11.01
N ASN A 97 -11.99 -14.70 12.35
CA ASN A 97 -11.80 -15.90 13.18
C ASN A 97 -10.50 -16.65 12.85
N ALA A 98 -9.43 -15.90 12.62
CA ALA A 98 -8.12 -16.51 12.51
C ALA A 98 -7.70 -17.11 13.85
N ARG A 99 -6.84 -18.13 13.80
CA ARG A 99 -6.33 -18.72 15.04
CA ARG A 99 -6.33 -18.73 15.05
C ARG A 99 -5.42 -17.77 15.80
N SER A 100 -4.68 -16.91 15.08
CA SER A 100 -3.66 -16.08 15.72
CA SER A 100 -3.71 -16.05 15.74
C SER A 100 -3.46 -14.81 14.90
N PRO A 101 -3.15 -13.68 15.52
CA PRO A 101 -2.84 -12.48 14.73
C PRO A 101 -1.63 -12.66 13.85
N ARG A 102 -0.73 -13.59 14.17
CA ARG A 102 0.48 -13.80 13.38
CA ARG A 102 0.47 -13.71 13.35
C ARG A 102 0.16 -14.23 11.95
N GLU A 103 -1.03 -14.77 11.73
CA GLU A 103 -1.46 -15.23 10.41
C GLU A 103 -2.02 -14.11 9.55
N CYS A 104 -2.17 -12.89 10.08
CA CYS A 104 -2.88 -11.80 9.41
C CYS A 104 -1.84 -10.78 8.95
N ILE A 105 -1.68 -10.65 7.63
CA ILE A 105 -0.67 -9.80 7.02
CA ILE A 105 -0.67 -9.78 7.04
C ILE A 105 -1.35 -8.58 6.41
N PHE A 106 -0.84 -7.39 6.72
CA PHE A 106 -1.35 -6.18 6.06
C PHE A 106 -0.64 -5.97 4.73
N VAL A 107 -1.46 -5.74 3.69
CA VAL A 107 -1.00 -5.47 2.31
C VAL A 107 -1.77 -4.25 1.81
N ARG A 108 -1.63 -3.92 0.51
CA ARG A 108 -2.38 -2.80 -0.04
C ARG A 108 -3.85 -3.16 -0.30
N GLY A 109 -4.12 -4.43 -0.58
CA GLY A 109 -5.45 -4.81 -1.01
C GLY A 109 -5.44 -6.26 -1.44
N THR A 110 -6.64 -6.73 -1.83
CA THR A 110 -6.81 -8.10 -2.30
C THR A 110 -5.84 -8.43 -3.41
N THR A 111 -5.63 -7.50 -4.33
CA THR A 111 -4.73 -7.78 -5.46
C THR A 111 -3.33 -8.10 -4.96
N GLU A 112 -2.79 -7.27 -4.06
CA GLU A 112 -1.44 -7.56 -3.59
C GLU A 112 -1.40 -8.90 -2.84
N ALA A 113 -2.41 -9.16 -2.01
CA ALA A 113 -2.47 -10.42 -1.26
C ALA A 113 -2.34 -11.63 -2.20
N ILE A 114 -3.07 -11.59 -3.33
CA ILE A 114 -3.02 -12.71 -4.26
C ILE A 114 -1.65 -12.81 -4.93
N ASN A 115 -1.06 -11.67 -5.33
CA ASN A 115 0.28 -11.71 -5.90
C ASN A 115 1.30 -12.27 -4.91
N LEU A 116 1.16 -11.92 -3.64
CA LEU A 116 2.08 -12.43 -2.62
C LEU A 116 2.06 -13.95 -2.59
N VAL A 117 0.86 -14.53 -2.56
CA VAL A 117 0.77 -15.99 -2.52
C VAL A 117 1.29 -16.60 -3.83
N ALA A 118 0.94 -15.99 -4.96
CA ALA A 118 1.42 -16.53 -6.23
C ALA A 118 2.94 -16.58 -6.29
N GLN A 119 3.60 -15.53 -5.81
CA GLN A 119 5.06 -15.47 -5.92
C GLN A 119 5.77 -16.18 -4.79
N SER A 120 5.18 -16.24 -3.61
CA SER A 120 5.90 -16.77 -2.45
C SER A 120 5.59 -18.21 -2.13
N LEU A 121 4.41 -18.69 -2.51
CA LEU A 121 4.06 -20.11 -2.35
C LEU A 121 4.16 -20.87 -3.66
N VAL A 122 3.49 -20.36 -4.71
CA VAL A 122 3.27 -21.23 -5.86
C VAL A 122 4.47 -21.23 -6.81
N ALA A 123 4.95 -20.05 -7.21
CA ALA A 123 6.04 -20.00 -8.19
C ALA A 123 7.29 -20.75 -7.75
N PRO A 124 7.73 -20.72 -6.49
CA PRO A 124 8.95 -21.46 -6.12
C PRO A 124 8.77 -22.96 -6.02
N ARG A 125 7.54 -23.47 -6.15
CA ARG A 125 7.29 -24.89 -5.94
C ARG A 125 6.69 -25.60 -7.14
N ILE A 126 5.87 -24.92 -7.94
CA ILE A 126 5.05 -25.63 -8.92
C ILE A 126 5.92 -26.08 -10.09
N LEU A 127 5.60 -27.25 -10.65
CA LEU A 127 6.35 -27.86 -11.75
C LEU A 127 5.62 -27.70 -13.07
N PRO A 128 6.30 -27.80 -14.21
N PRO A 128 6.31 -27.91 -14.21
CA PRO A 128 5.60 -27.71 -15.48
CA PRO A 128 5.70 -27.61 -15.52
C PRO A 128 4.52 -28.78 -15.57
C PRO A 128 4.34 -28.25 -15.81
N ASP A 129 3.38 -28.43 -16.18
N ASP A 129 4.11 -29.52 -15.57
CA ASP A 129 2.23 -29.27 -16.38
CA ASP A 129 2.72 -29.87 -15.88
C ASP A 129 1.40 -29.44 -15.12
C ASP A 129 1.95 -30.21 -14.61
N GLU A 130 1.92 -29.08 -13.94
N GLU A 130 1.98 -29.27 -13.68
CA GLU A 130 1.05 -29.02 -12.77
CA GLU A 130 1.00 -29.16 -12.62
C GLU A 130 0.06 -27.87 -12.94
C GLU A 130 0.05 -28.01 -12.95
N GLU A 131 -1.01 -27.90 -12.17
CA GLU A 131 -2.16 -27.07 -12.51
C GLU A 131 -2.59 -26.13 -11.39
N ILE A 132 -3.09 -24.97 -11.80
CA ILE A 132 -3.76 -24.00 -10.95
C ILE A 132 -5.20 -23.93 -11.43
N LEU A 133 -6.16 -24.09 -10.52
CA LEU A 133 -7.57 -24.12 -10.89
C LEU A 133 -8.29 -22.91 -10.32
N ILE A 134 -8.99 -22.16 -11.18
CA ILE A 134 -9.82 -21.02 -10.81
C ILE A 134 -11.23 -21.24 -11.38
N THR A 135 -12.16 -20.32 -11.07
CA THR A 135 -13.48 -20.37 -11.71
C THR A 135 -13.58 -19.36 -12.85
N HIS A 136 -14.61 -19.55 -13.69
CA HIS A 136 -14.83 -18.63 -14.80
C HIS A 136 -15.18 -17.22 -14.32
N MET A 137 -15.67 -17.07 -13.10
CA MET A 137 -16.15 -15.75 -12.69
C MET A 137 -15.11 -14.92 -11.94
N GLU A 138 -13.84 -15.32 -11.95
CA GLU A 138 -12.84 -14.57 -11.18
C GLU A 138 -12.70 -13.14 -11.70
N HIS A 139 -12.51 -12.24 -10.74
CA HIS A 139 -11.95 -10.92 -11.02
C HIS A 139 -10.55 -11.05 -11.60
N HIS A 140 -10.15 -10.09 -12.43
CA HIS A 140 -8.81 -10.13 -13.02
C HIS A 140 -7.70 -10.29 -11.98
N SER A 141 -7.90 -9.74 -10.78
CA SER A 141 -6.85 -9.86 -9.76
C SER A 141 -6.69 -11.28 -9.25
N ASN A 142 -7.67 -12.16 -9.51
CA ASN A 142 -7.50 -13.58 -9.20
C ASN A 142 -7.33 -14.39 -10.48
N ILE A 143 -6.85 -13.75 -11.56
CA ILE A 143 -6.53 -14.42 -12.83
C ILE A 143 -5.09 -14.10 -13.20
N VAL A 144 -4.79 -12.81 -13.33
CA VAL A 144 -3.49 -12.41 -13.88
C VAL A 144 -2.31 -12.93 -13.07
N PRO A 145 -2.31 -12.89 -11.73
CA PRO A 145 -1.13 -13.40 -11.02
C PRO A 145 -0.82 -14.83 -11.36
N TRP A 146 -1.88 -15.64 -11.54
CA TRP A 146 -1.67 -17.05 -11.86
C TRP A 146 -1.19 -17.19 -13.29
N GLN A 147 -1.69 -16.34 -14.20
CA GLN A 147 -1.18 -16.37 -15.57
C GLN A 147 0.31 -16.04 -15.60
N MET A 148 0.73 -15.09 -14.77
CA MET A 148 2.15 -14.75 -14.71
C MET A 148 2.99 -15.94 -14.25
N VAL A 149 2.50 -16.68 -13.26
CA VAL A 149 3.24 -17.86 -12.82
C VAL A 149 3.26 -18.92 -13.91
N CYS A 150 2.13 -19.14 -14.59
CA CYS A 150 2.10 -20.14 -15.66
C CYS A 150 3.10 -19.79 -16.76
N LYS A 151 3.16 -18.53 -17.16
CA LYS A 151 4.07 -18.15 -18.24
C LYS A 151 5.53 -18.43 -17.86
N LYS A 152 5.89 -18.15 -16.61
CA LYS A 152 7.28 -18.26 -16.21
C LYS A 152 7.65 -19.70 -15.84
N MET A 153 6.73 -20.44 -15.21
CA MET A 153 7.06 -21.74 -14.65
C MET A 153 6.56 -22.91 -15.47
N GLY A 154 5.70 -22.67 -16.45
CA GLY A 154 5.24 -23.74 -17.33
C GLY A 154 4.05 -24.52 -16.83
N CYS A 155 3.53 -24.20 -15.64
CA CYS A 155 2.29 -24.83 -15.18
C CYS A 155 1.10 -24.31 -16.00
N LYS A 156 -0.05 -24.93 -15.79
CA LYS A 156 -1.22 -24.75 -16.64
C LYS A 156 -2.39 -24.22 -15.82
N LEU A 157 -3.05 -23.17 -16.34
CA LEU A 157 -4.21 -22.58 -15.67
C LEU A 157 -5.48 -23.25 -16.19
N GLN A 158 -6.25 -23.84 -15.27
CA GLN A 158 -7.51 -24.49 -15.60
C GLN A 158 -8.65 -23.66 -15.03
N VAL A 159 -9.81 -23.71 -15.68
CA VAL A 159 -10.94 -22.84 -15.36
C VAL A 159 -12.19 -23.69 -15.21
N ALA A 160 -12.79 -23.65 -14.03
CA ALA A 160 -14.04 -24.35 -13.76
C ALA A 160 -15.22 -23.55 -14.31
N PRO A 161 -16.13 -24.17 -15.04
CA PRO A 161 -17.20 -23.42 -15.72
C PRO A 161 -18.34 -23.05 -14.79
N ILE A 162 -19.15 -22.08 -15.24
CA ILE A 162 -20.37 -21.69 -14.57
C ILE A 162 -21.56 -21.97 -15.49
N SER A 163 -22.72 -22.07 -14.87
CA SER A 163 -23.94 -22.16 -15.65
C SER A 163 -24.50 -20.76 -15.92
N LEU A 164 -25.52 -20.71 -16.78
CA LEU A 164 -26.05 -19.41 -17.18
C LEU A 164 -26.58 -18.62 -15.99
N ASN A 165 -27.12 -19.30 -14.97
CA ASN A 165 -27.59 -18.57 -13.79
C ASN A 165 -26.46 -17.95 -12.96
N GLY A 166 -25.19 -18.17 -13.28
CA GLY A 166 -24.11 -17.57 -12.54
C GLY A 166 -23.56 -18.40 -11.40
N GLU A 167 -23.86 -19.68 -11.35
CA GLU A 167 -23.37 -20.57 -10.31
C GLU A 167 -22.25 -21.46 -10.86
N VAL A 168 -21.28 -21.77 -9.99
CA VAL A 168 -20.28 -22.77 -10.34
C VAL A 168 -20.96 -24.12 -10.56
N ILE A 169 -20.57 -24.82 -11.62
CA ILE A 169 -21.08 -26.18 -11.87
C ILE A 169 -20.22 -27.12 -11.03
N LEU A 170 -20.73 -27.56 -9.87
CA LEU A 170 -19.86 -28.26 -8.91
C LEU A 170 -19.32 -29.56 -9.48
N GLU A 171 -20.12 -30.29 -10.25
CA GLU A 171 -19.63 -31.54 -10.83
C GLU A 171 -18.44 -31.30 -11.75
N GLU A 172 -18.43 -30.17 -12.48
CA GLU A 172 -17.30 -29.91 -13.36
C GLU A 172 -16.09 -29.38 -12.61
N PHE A 173 -16.32 -28.62 -11.54
CA PHE A 173 -15.24 -28.24 -10.65
C PHE A 173 -14.54 -29.46 -10.09
N GLU A 174 -15.32 -30.44 -9.62
CA GLU A 174 -14.72 -31.66 -9.10
C GLU A 174 -13.97 -32.40 -10.20
N ARG A 175 -14.52 -32.44 -11.42
CA ARG A 175 -13.87 -33.11 -12.53
CA ARG A 175 -13.86 -33.14 -12.51
C ARG A 175 -12.53 -32.48 -12.88
N LYS A 176 -12.43 -31.16 -12.73
CA LYS A 176 -11.20 -30.44 -13.07
C LYS A 176 -10.10 -30.63 -12.02
N LEU A 177 -10.44 -31.13 -10.84
CA LEU A 177 -9.44 -31.41 -9.81
C LEU A 177 -8.77 -32.75 -10.08
N ASN A 178 -7.45 -32.79 -9.92
CA ASN A 178 -6.72 -34.04 -10.10
C ASN A 178 -5.46 -33.99 -9.26
N GLU A 179 -4.69 -35.07 -9.31
CA GLU A 179 -3.48 -35.19 -8.49
C GLU A 179 -2.47 -34.11 -8.78
N ASN A 180 -2.53 -33.49 -9.95
CA ASN A 180 -1.57 -32.46 -10.33
C ASN A 180 -2.08 -31.05 -10.05
N THR A 181 -3.25 -30.92 -9.44
CA THR A 181 -3.76 -29.60 -9.05
C THR A 181 -3.05 -29.18 -7.78
N LYS A 182 -2.19 -28.16 -7.86
CA LYS A 182 -1.44 -27.76 -6.68
C LYS A 182 -2.02 -26.54 -5.99
N MET A 183 -2.71 -25.67 -6.74
CA MET A 183 -3.29 -24.45 -6.20
CA MET A 183 -3.32 -24.50 -6.14
C MET A 183 -4.69 -24.31 -6.75
N VAL A 184 -5.64 -23.96 -5.88
CA VAL A 184 -7.02 -23.64 -6.25
C VAL A 184 -7.26 -22.23 -5.71
N ALA A 185 -7.68 -21.33 -6.59
CA ALA A 185 -7.93 -19.94 -6.19
C ALA A 185 -9.32 -19.60 -6.67
N ILE A 186 -10.22 -19.29 -5.73
CA ILE A 186 -11.62 -19.21 -6.08
C ILE A 186 -12.30 -17.99 -5.48
N ASN A 187 -13.23 -17.46 -6.25
CA ASN A 187 -14.05 -16.34 -5.82
C ASN A 187 -14.99 -16.78 -4.70
N TYR A 188 -15.05 -16.00 -3.61
CA TYR A 188 -16.06 -16.26 -2.60
C TYR A 188 -17.40 -15.66 -3.01
N ALA A 189 -17.45 -14.34 -3.18
CA ALA A 189 -18.61 -13.67 -3.75
C ALA A 189 -18.20 -12.83 -4.96
N SER A 190 -19.03 -12.85 -5.98
CA SER A 190 -18.68 -12.26 -7.27
C SER A 190 -19.06 -10.78 -7.34
N ASN A 191 -18.09 -9.93 -7.74
CA ASN A 191 -18.35 -8.50 -7.89
C ASN A 191 -19.19 -8.19 -9.11
N SER A 192 -19.28 -9.12 -10.06
CA SER A 192 -20.02 -8.96 -11.30
CA SER A 192 -20.01 -8.95 -11.30
C SER A 192 -21.40 -9.57 -11.25
N LEU A 193 -21.53 -10.77 -10.70
CA LEU A 193 -22.78 -11.52 -10.66
C LEU A 193 -23.50 -11.44 -9.32
N GLY A 194 -22.77 -11.17 -8.24
CA GLY A 194 -23.33 -11.26 -6.92
C GLY A 194 -23.29 -12.63 -6.29
N THR A 195 -23.01 -13.67 -7.08
CA THR A 195 -23.05 -15.06 -6.60
C THR A 195 -22.17 -15.26 -5.38
N ILE A 196 -22.71 -15.95 -4.36
CA ILE A 196 -21.92 -16.47 -3.25
C ILE A 196 -21.69 -17.95 -3.54
N ASN A 197 -20.43 -18.32 -3.75
CA ASN A 197 -20.10 -19.69 -4.11
C ASN A 197 -20.03 -20.58 -2.87
N PRO A 198 -20.29 -21.87 -3.03
CA PRO A 198 -20.24 -22.85 -1.92
C PRO A 198 -18.80 -23.21 -1.59
N VAL A 199 -18.07 -22.25 -1.01
CA VAL A 199 -16.62 -22.39 -0.93
C VAL A 199 -16.22 -23.46 0.08
N LYS A 200 -16.98 -23.66 1.16
CA LYS A 200 -16.60 -24.71 2.11
C LYS A 200 -16.58 -26.07 1.42
N THR A 201 -17.62 -26.38 0.62
CA THR A 201 -17.64 -27.62 -0.14
C THR A 201 -16.50 -27.69 -1.14
N MET A 202 -16.26 -26.59 -1.87
CA MET A 202 -15.22 -26.59 -2.89
C MET A 202 -13.84 -26.79 -2.27
N ILE A 203 -13.61 -26.19 -1.10
CA ILE A 203 -12.34 -26.34 -0.39
C ILE A 203 -12.13 -27.79 0.01
N LYS A 204 -13.17 -28.45 0.54
CA LYS A 204 -13.07 -29.87 0.84
C LYS A 204 -12.67 -30.67 -0.38
N MET A 205 -13.32 -30.41 -1.52
CA MET A 205 -13.00 -31.13 -2.75
C MET A 205 -11.55 -30.92 -3.15
N ALA A 206 -11.07 -29.67 -3.07
CA ALA A 206 -9.70 -29.37 -3.45
C ALA A 206 -8.71 -30.03 -2.51
N HIS A 207 -9.00 -30.06 -1.21
CA HIS A 207 -8.09 -30.70 -0.29
C HIS A 207 -7.98 -32.20 -0.51
N GLU A 208 -9.01 -32.83 -1.10
CA GLU A 208 -8.94 -34.27 -1.33
C GLU A 208 -7.83 -34.63 -2.30
N VAL A 209 -7.46 -33.73 -3.21
CA VAL A 209 -6.37 -34.01 -4.16
C VAL A 209 -5.07 -33.36 -3.71
N GLY A 210 -5.04 -32.77 -2.52
CA GLY A 210 -3.82 -32.22 -1.98
C GLY A 210 -3.55 -30.77 -2.34
N ALA A 211 -4.49 -30.09 -2.97
CA ALA A 211 -4.32 -28.69 -3.36
C ALA A 211 -4.44 -27.76 -2.14
N LYS A 212 -3.75 -26.62 -2.22
CA LYS A 212 -4.00 -25.51 -1.30
C LYS A 212 -5.04 -24.59 -1.94
N VAL A 213 -5.82 -23.90 -1.10
CA VAL A 213 -6.95 -23.12 -1.60
C VAL A 213 -6.85 -21.70 -1.08
N LEU A 214 -6.87 -20.73 -1.99
CA LEU A 214 -7.03 -19.33 -1.64
C LEU A 214 -8.46 -18.88 -1.96
N LEU A 215 -9.06 -18.13 -1.06
CA LEU A 215 -10.36 -17.50 -1.29
C LEU A 215 -10.18 -16.02 -1.56
N ASP A 216 -10.76 -15.54 -2.65
CA ASP A 216 -10.83 -14.11 -2.93
C ASP A 216 -12.08 -13.60 -2.24
N GLY A 217 -11.89 -12.95 -1.10
CA GLY A 217 -13.00 -12.46 -0.30
C GLY A 217 -13.25 -10.97 -0.43
N ALA A 218 -12.83 -10.34 -1.53
CA ALA A 218 -12.96 -8.88 -1.63
C ALA A 218 -14.42 -8.42 -1.50
N GLN A 219 -15.37 -9.14 -2.11
CA GLN A 219 -16.77 -8.77 -1.97
C GLN A 219 -17.43 -9.42 -0.76
N ALA A 220 -17.08 -10.66 -0.45
CA ALA A 220 -17.80 -11.36 0.61
C ALA A 220 -17.62 -10.68 1.96
N THR A 221 -16.45 -10.12 2.21
CA THR A 221 -16.09 -9.66 3.54
C THR A 221 -16.93 -8.46 3.98
N ALA A 222 -17.48 -7.70 3.04
CA ALA A 222 -18.37 -6.60 3.41
C ALA A 222 -19.77 -7.06 3.77
N HIS A 223 -20.14 -8.29 3.44
CA HIS A 223 -21.54 -8.68 3.46
C HIS A 223 -21.86 -9.93 4.28
N LEU A 224 -20.85 -10.74 4.65
CA LEU A 224 -21.08 -12.02 5.31
C LEU A 224 -20.10 -12.12 6.46
N ILE A 225 -20.46 -12.94 7.46
CA ILE A 225 -19.52 -13.22 8.54
C ILE A 225 -18.44 -14.18 8.02
N VAL A 226 -17.18 -13.79 8.19
CA VAL A 226 -16.04 -14.58 7.70
C VAL A 226 -15.50 -15.45 8.83
N ASP A 227 -15.36 -16.75 8.58
CA ASP A 227 -14.81 -17.68 9.58
C ASP A 227 -13.81 -18.58 8.83
N VAL A 228 -12.52 -18.20 8.86
CA VAL A 228 -11.56 -18.96 8.07
C VAL A 228 -11.33 -20.35 8.65
N GLN A 229 -11.53 -20.53 9.96
CA GLN A 229 -11.37 -21.87 10.53
C GLN A 229 -12.48 -22.79 10.05
N ASP A 230 -13.72 -22.31 10.01
CA ASP A 230 -14.78 -23.20 9.57
C ASP A 230 -14.72 -23.44 8.06
N LEU A 231 -14.39 -22.40 7.27
CA LEU A 231 -14.25 -22.63 5.84
C LEU A 231 -13.09 -23.57 5.53
N ASP A 232 -12.04 -23.54 6.34
CA ASP A 232 -10.82 -24.33 6.17
C ASP A 232 -10.05 -23.93 4.92
N CYS A 233 -10.23 -22.71 4.45
CA CYS A 233 -9.37 -22.19 3.40
C CYS A 233 -7.94 -22.11 3.90
N ASP A 234 -6.99 -22.15 2.96
CA ASP A 234 -5.58 -22.01 3.32
C ASP A 234 -5.11 -20.57 3.27
N PHE A 235 -5.75 -19.74 2.45
CA PHE A 235 -5.51 -18.31 2.39
C PHE A 235 -6.83 -17.60 2.19
N TYR A 236 -6.87 -16.33 2.62
CA TYR A 236 -8.07 -15.51 2.50
C TYR A 236 -7.60 -14.08 2.26
N ALA A 237 -8.13 -13.42 1.22
CA ALA A 237 -7.68 -12.09 0.83
C ALA A 237 -8.85 -11.13 0.78
N PHE A 238 -8.67 -9.91 1.31
CA PHE A 238 -9.71 -8.89 1.18
C PHE A 238 -9.13 -7.48 1.23
N SER A 239 -9.99 -6.50 0.91
CA SER A 239 -9.60 -5.09 0.75
C SER A 239 -10.37 -4.21 1.70
N GLY A 240 -9.67 -3.30 2.38
CA GLY A 240 -10.34 -2.41 3.30
C GLY A 240 -11.38 -1.51 2.64
N HIS A 241 -11.08 -1.00 1.45
CA HIS A 241 -11.93 0.04 0.87
C HIS A 241 -13.28 -0.50 0.42
N MET A 243 -15.01 -2.51 2.31
CA MET A 243 -15.74 -2.80 3.55
C MET A 243 -15.65 -1.60 4.50
N TYR A 244 -15.85 -0.40 3.95
CA TYR A 244 -16.10 0.83 4.72
C TYR A 244 -14.84 1.35 5.38
N GLY A 245 -13.67 0.87 4.94
CA GLY A 245 -12.38 1.29 5.46
C GLY A 245 -11.59 2.12 4.46
N PRO A 246 -10.40 2.57 4.85
CA PRO A 246 -9.61 3.45 3.97
C PRO A 246 -9.09 2.74 2.74
N THR A 247 -8.72 3.54 1.73
CA THR A 247 -7.98 2.98 0.60
C THR A 247 -6.57 2.60 1.07
N GLY A 248 -5.91 1.78 0.25
CA GLY A 248 -4.52 1.48 0.49
C GLY A 248 -4.24 0.44 1.55
N ILE A 249 -5.25 -0.27 2.02
CA ILE A 249 -5.05 -1.29 3.06
C ILE A 249 -5.89 -2.53 2.74
N GLY A 250 -5.28 -3.69 2.92
CA GLY A 250 -6.02 -4.93 2.77
C GLY A 250 -5.30 -5.97 3.61
N VAL A 251 -5.80 -7.20 3.53
CA VAL A 251 -5.30 -8.27 4.38
C VAL A 251 -5.10 -9.53 3.56
N LEU A 252 -3.96 -10.20 3.80
CA LEU A 252 -3.77 -11.60 3.44
C LEU A 252 -3.73 -12.40 4.72
N TRP A 253 -4.66 -13.31 4.89
CA TRP A 253 -4.60 -14.30 5.97
C TRP A 253 -4.09 -15.60 5.37
N GLY A 254 -3.27 -16.34 6.10
CA GLY A 254 -2.89 -17.69 5.68
C GLY A 254 -2.63 -18.58 6.88
N LYS A 255 -2.80 -19.88 6.69
CA LYS A 255 -2.48 -20.80 7.78
C LYS A 255 -1.02 -20.65 8.19
N GLU A 256 -0.80 -20.61 9.51
CA GLU A 256 0.52 -20.36 10.05
C GLU A 256 1.59 -21.27 9.46
N GLU A 257 1.30 -22.59 9.37
CA GLU A 257 2.30 -23.52 8.86
CA GLU A 257 2.31 -23.51 8.86
C GLU A 257 2.69 -23.20 7.42
N LEU A 258 1.71 -22.78 6.60
CA LEU A 258 2.01 -22.44 5.21
C LEU A 258 2.81 -21.15 5.14
N LEU A 259 2.38 -20.12 5.87
CA LEU A 259 3.13 -18.86 5.85
C LEU A 259 4.57 -19.06 6.30
N ASN A 260 4.78 -19.92 7.30
CA ASN A 260 6.15 -20.16 7.76
C ASN A 260 7.00 -20.80 6.66
N SER A 261 6.40 -21.66 5.84
CA SER A 261 7.16 -22.37 4.82
C SER A 261 7.39 -21.56 3.56
N MET A 262 6.62 -20.49 3.36
CA MET A 262 6.76 -19.67 2.17
C MET A 262 8.02 -18.81 2.24
N THR A 263 8.56 -18.46 1.09
CA THR A 263 9.64 -17.47 1.03
C THR A 263 9.06 -16.10 1.34
N PRO A 264 9.89 -15.15 1.80
CA PRO A 264 9.40 -13.77 1.86
C PRO A 264 9.02 -13.28 0.47
N TYR A 265 8.20 -12.24 0.44
CA TYR A 265 7.78 -11.62 -0.80
C TYR A 265 8.65 -10.39 -1.03
N GLN A 266 8.25 -9.22 -0.54
CA GLN A 266 9.11 -8.04 -0.64
C GLN A 266 10.17 -8.06 0.45
N GLY A 267 11.36 -7.58 0.13
CA GLY A 267 12.49 -7.58 1.06
C GLY A 267 12.82 -6.17 1.50
N GLY A 268 13.33 -6.03 2.71
CA GLY A 268 13.85 -4.73 3.15
C GLY A 268 13.76 -4.61 4.65
N GLY A 269 13.70 -3.36 5.09
CA GLY A 269 13.57 -3.09 6.52
C GLY A 269 12.35 -3.76 7.11
N GLU A 270 12.41 -4.02 8.42
CA GLU A 270 11.30 -4.47 9.26
C GLU A 270 10.97 -5.95 9.10
N MET A 271 11.23 -6.54 7.95
CA MET A 271 10.94 -7.96 7.75
C MET A 271 12.17 -8.85 7.98
N ILE A 272 13.28 -8.27 8.44
CA ILE A 272 14.50 -8.99 8.78
C ILE A 272 14.65 -9.07 10.30
N ASN A 273 15.40 -10.09 10.74
CA ASN A 273 15.99 -10.11 12.07
C ASN A 273 17.42 -9.58 12.04
N SER A 274 18.18 -9.90 11.00
CA SER A 274 19.56 -9.45 10.91
CA SER A 274 19.54 -9.42 10.90
C SER A 274 19.94 -9.35 9.43
N VAL A 275 20.71 -8.31 9.10
CA VAL A 275 21.23 -8.12 7.75
C VAL A 275 22.73 -7.95 7.85
N SER A 276 23.48 -8.79 7.14
CA SER A 276 24.87 -8.50 6.84
C SER A 276 25.09 -8.83 5.37
N PHE A 277 26.28 -8.49 4.88
CA PHE A 277 26.55 -8.86 3.51
C PHE A 277 26.91 -10.34 3.36
N GLU A 278 27.08 -11.06 4.47
CA GLU A 278 27.36 -12.49 4.42
C GLU A 278 26.13 -13.36 4.67
N ALA A 279 25.12 -12.83 5.36
CA ALA A 279 23.92 -13.60 5.71
C ALA A 279 22.81 -12.65 6.09
N THR A 280 21.59 -12.95 5.68
CA THR A 280 20.40 -12.21 6.11
C THR A 280 19.40 -13.21 6.67
N GLU A 281 18.94 -12.95 7.89
CA GLU A 281 17.93 -13.76 8.56
C GLU A 281 16.61 -13.01 8.62
N TYR A 282 15.53 -13.68 8.28
CA TYR A 282 14.25 -13.02 8.17
C TYR A 282 13.45 -13.12 9.47
N ALA A 283 12.57 -12.14 9.67
CA ALA A 283 11.70 -12.10 10.84
C ALA A 283 10.65 -13.21 10.75
N ALA A 284 10.05 -13.53 11.90
CA ALA A 284 8.90 -14.42 11.97
C ALA A 284 7.67 -13.75 11.36
N ILE A 285 6.67 -14.57 11.02
CA ILE A 285 5.38 -14.01 10.61
C ILE A 285 4.80 -13.26 11.81
N PRO A 286 4.01 -12.20 11.57
CA PRO A 286 3.58 -11.67 10.29
C PRO A 286 4.60 -10.74 9.66
N HIS A 287 5.58 -10.29 10.44
CA HIS A 287 6.47 -9.22 10.01
C HIS A 287 7.34 -9.64 8.83
N LYS A 288 7.61 -10.94 8.69
CA LYS A 288 8.27 -11.54 7.53
C LYS A 288 7.73 -11.00 6.22
N PHE A 289 6.45 -10.68 6.19
CA PHE A 289 5.76 -10.29 4.95
C PHE A 289 5.41 -8.81 4.90
N GLU A 290 5.90 -8.01 5.84
CA GLU A 290 5.63 -6.58 5.89
C GLU A 290 6.97 -5.86 5.77
N ALA A 291 7.37 -5.57 4.55
CA ALA A 291 8.66 -4.94 4.25
C ALA A 291 8.54 -3.43 4.21
N GLY A 292 9.40 -2.74 4.95
CA GLY A 292 9.29 -1.30 5.03
C GLY A 292 8.17 -0.84 5.96
N THR A 293 8.09 0.48 6.11
CA THR A 293 7.04 1.06 6.94
C THR A 293 5.66 0.63 6.43
N PRO A 294 4.82 0.06 7.27
CA PRO A 294 3.50 -0.35 6.83
C PRO A 294 2.57 0.84 6.70
N ASN A 295 1.39 0.59 6.13
CA ASN A 295 0.36 1.63 6.11
C ASN A 295 -0.30 1.67 7.47
N ILE A 296 0.36 2.36 8.40
CA ILE A 296 -0.07 2.34 9.81
C ILE A 296 -1.47 2.95 9.95
N ALA A 297 -1.69 4.11 9.33
CA ALA A 297 -2.99 4.76 9.48
C ALA A 297 -4.08 3.96 8.80
N GLY A 298 -3.76 3.29 7.69
CA GLY A 298 -4.78 2.50 7.03
C GLY A 298 -5.21 1.32 7.85
N ALA A 299 -4.26 0.67 8.53
CA ALA A 299 -4.62 -0.42 9.43
C ALA A 299 -5.51 0.06 10.56
N ILE A 300 -5.18 1.22 11.13
CA ILE A 300 -5.99 1.76 12.22
C ILE A 300 -7.38 2.13 11.71
N GLY A 301 -7.46 2.73 10.53
CA GLY A 301 -8.77 3.00 9.95
C GLY A 301 -9.57 1.75 9.66
N LEU A 302 -8.90 0.69 9.17
CA LEU A 302 -9.59 -0.58 8.95
C LEU A 302 -10.15 -1.16 10.24
N ALA A 303 -9.40 -1.05 11.34
CA ALA A 303 -9.92 -1.51 12.61
C ALA A 303 -11.17 -0.74 13.00
N ALA A 304 -11.19 0.58 12.72
CA ALA A 304 -12.39 1.37 12.98
C ALA A 304 -13.55 0.90 12.11
N ALA A 305 -13.26 0.48 10.86
CA ALA A 305 -14.34 -0.01 10.00
C ALA A 305 -14.92 -1.31 10.54
N ILE A 306 -14.05 -2.19 11.07
CA ILE A 306 -14.53 -3.43 11.69
C ILE A 306 -15.40 -3.11 12.91
N ASP A 307 -14.93 -2.20 13.77
CA ASP A 307 -15.75 -1.79 14.91
C ASP A 307 -17.11 -1.24 14.46
N TYR A 308 -17.12 -0.44 13.39
CA TYR A 308 -18.39 0.11 12.91
C TYR A 308 -19.33 -1.00 12.44
N ILE A 309 -18.80 -1.91 11.59
CA ILE A 309 -19.61 -3.04 11.13
C ILE A 309 -20.19 -3.82 12.30
N TRP A 310 -19.34 -4.15 13.30
CA TRP A 310 -19.84 -4.87 14.47
C TRP A 310 -20.92 -4.09 15.21
N SER A 311 -20.84 -2.76 15.24
CA SER A 311 -21.83 -1.96 15.94
C SER A 311 -23.19 -2.03 15.27
N LEU A 312 -23.23 -2.35 13.97
CA LEU A 312 -24.50 -2.54 13.27
C LEU A 312 -25.02 -3.97 13.34
N ASP A 313 -24.10 -4.93 13.51
CA ASP A 313 -24.33 -6.38 13.60
C ASP A 313 -24.42 -6.97 12.20
N LEU A 314 -23.51 -7.88 11.85
CA LEU A 314 -23.51 -8.43 10.50
C LEU A 314 -24.76 -9.24 10.20
N ASP A 315 -25.39 -9.86 11.21
CA ASP A 315 -26.66 -10.53 10.95
C ASP A 315 -27.73 -9.53 10.54
N ALA A 316 -27.75 -8.37 11.18
CA ALA A 316 -28.73 -7.35 10.83
C ALA A 316 -28.44 -6.77 9.45
N ILE A 317 -27.16 -6.49 9.17
CA ILE A 317 -26.76 -6.03 7.83
C ILE A 317 -27.22 -7.02 6.77
N ALA A 318 -26.97 -8.31 7.00
CA ALA A 318 -27.32 -9.30 5.98
C ALA A 318 -28.84 -9.37 5.77
N GLU A 319 -29.62 -9.28 6.85
CA GLU A 319 -31.07 -9.31 6.72
CA GLU A 319 -31.07 -9.32 6.70
C GLU A 319 -31.57 -8.13 5.89
N TYR A 320 -31.06 -6.93 6.17
CA TYR A 320 -31.52 -5.75 5.46
C TYR A 320 -31.03 -5.76 4.01
N GLU A 321 -29.77 -6.15 3.78
CA GLU A 321 -29.25 -6.18 2.42
C GLU A 321 -29.99 -7.21 1.57
N THR A 322 -30.43 -8.32 2.18
CA THR A 322 -31.26 -9.28 1.45
C THR A 322 -32.60 -8.67 1.07
N GLN A 323 -33.19 -7.88 1.97
CA GLN A 323 -34.42 -7.18 1.63
C GLN A 323 -34.18 -6.22 0.46
N LEU A 324 -33.08 -5.47 0.50
CA LEU A 324 -32.77 -4.56 -0.61
C LEU A 324 -32.64 -5.33 -1.92
N LEU A 325 -31.87 -6.42 -1.90
CA LEU A 325 -31.65 -7.18 -3.13
C LEU A 325 -32.96 -7.74 -3.66
N ASN A 326 -33.79 -8.32 -2.77
CA ASN A 326 -35.06 -8.87 -3.23
C ASN A 326 -35.97 -7.79 -3.80
N TYR A 327 -36.02 -6.64 -3.13
CA TYR A 327 -36.87 -5.55 -3.60
C TYR A 327 -36.41 -5.04 -4.97
N ALA A 328 -35.10 -4.83 -5.13
CA ALA A 328 -34.56 -4.31 -6.38
C ALA A 328 -34.67 -5.32 -7.50
N THR A 329 -34.51 -6.60 -7.18
CA THR A 329 -34.63 -7.63 -8.21
C THR A 329 -36.04 -7.65 -8.76
N LYS A 330 -37.04 -7.63 -7.88
CA LYS A 330 -38.42 -7.59 -8.34
C LYS A 330 -38.71 -6.30 -9.10
N ALA A 331 -38.19 -5.18 -8.59
CA ALA A 331 -38.48 -3.89 -9.24
C ALA A 331 -37.87 -3.82 -10.63
N ILE A 332 -36.63 -4.28 -10.81
CA ILE A 332 -36.04 -4.10 -12.13
C ILE A 332 -36.68 -5.04 -13.13
N GLU A 333 -37.11 -6.22 -12.69
CA GLU A 333 -37.82 -7.12 -13.60
C GLU A 333 -39.19 -6.56 -13.97
N ALA A 334 -39.80 -5.77 -13.08
CA ALA A 334 -41.10 -5.16 -13.40
C ALA A 334 -40.99 -4.00 -14.39
N VAL A 335 -39.81 -3.40 -14.51
CA VAL A 335 -39.63 -2.32 -15.49
C VAL A 335 -39.87 -2.82 -16.90
N LYS A 336 -39.45 -4.07 -17.17
CA LYS A 336 -39.49 -4.72 -18.48
CA LYS A 336 -39.49 -4.72 -18.49
C LYS A 336 -38.40 -4.19 -19.40
N GLY A 337 -37.77 -5.09 -20.17
CA GLY A 337 -36.74 -4.74 -21.12
C GLY A 337 -35.33 -4.97 -20.62
N TYR A 338 -35.13 -5.09 -19.31
CA TYR A 338 -33.81 -5.32 -18.74
C TYR A 338 -33.73 -6.75 -18.22
N ASN A 339 -32.63 -7.43 -18.52
CA ASN A 339 -32.42 -8.82 -18.12
C ASN A 339 -31.27 -8.91 -17.13
N ILE A 340 -31.52 -9.55 -16.00
CA ILE A 340 -30.48 -9.72 -14.97
C ILE A 340 -29.50 -10.80 -15.41
N ILE A 341 -28.21 -10.51 -15.21
CA ILE A 341 -27.14 -11.48 -15.41
CA ILE A 341 -27.17 -11.49 -15.41
C ILE A 341 -26.63 -11.85 -14.03
N GLY A 342 -26.83 -13.12 -13.65
CA GLY A 342 -26.44 -13.57 -12.32
C GLY A 342 -27.65 -13.67 -11.42
N THR A 343 -28.28 -14.83 -11.40
CA THR A 343 -29.52 -15.09 -10.66
C THR A 343 -29.34 -16.25 -9.70
N ALA A 344 -28.14 -16.34 -9.10
CA ALA A 344 -27.83 -17.42 -8.17
C ALA A 344 -28.76 -17.41 -6.97
N ALA A 345 -28.86 -18.57 -6.32
CA ALA A 345 -29.72 -18.73 -5.16
C ALA A 345 -29.21 -17.92 -3.97
N ASN A 346 -27.89 -17.84 -3.80
CA ASN A 346 -27.26 -17.07 -2.72
C ASN A 346 -26.47 -15.94 -3.35
N LYS A 347 -26.76 -14.70 -2.95
CA LYS A 347 -26.11 -13.53 -3.55
C LYS A 347 -25.83 -12.48 -2.49
N VAL A 348 -24.75 -11.72 -2.72
CA VAL A 348 -24.55 -10.40 -2.09
C VAL A 348 -25.39 -9.40 -2.90
N PRO A 349 -25.62 -8.19 -2.40
CA PRO A 349 -26.68 -7.33 -3.00
C PRO A 349 -26.20 -6.59 -4.24
N ILE A 350 -25.97 -7.36 -5.30
CA ILE A 350 -25.45 -6.86 -6.57
C ILE A 350 -26.36 -7.36 -7.67
N ILE A 351 -26.75 -6.45 -8.58
CA ILE A 351 -27.57 -6.79 -9.74
C ILE A 351 -26.86 -6.26 -10.98
N SER A 352 -26.31 -7.15 -11.79
CA SER A 352 -25.85 -6.73 -13.12
CA SER A 352 -25.82 -6.80 -13.13
C SER A 352 -26.95 -7.03 -14.13
N PHE A 353 -27.05 -6.17 -15.15
CA PHE A 353 -28.16 -6.32 -16.07
C PHE A 353 -27.82 -5.73 -17.44
N VAL A 354 -28.55 -6.20 -18.45
CA VAL A 354 -28.36 -5.77 -19.82
C VAL A 354 -29.70 -5.44 -20.45
N HIS A 355 -29.62 -4.68 -21.53
CA HIS A 355 -30.76 -4.38 -22.39
C HIS A 355 -30.41 -4.89 -23.79
N GLY A 356 -31.42 -5.34 -24.53
CA GLY A 356 -31.14 -5.92 -25.83
C GLY A 356 -30.72 -4.94 -26.90
N LYS A 357 -31.03 -3.64 -26.72
CA LYS A 357 -30.70 -2.64 -27.74
C LYS A 357 -29.89 -1.48 -27.18
N ILE A 358 -30.05 -1.17 -25.89
CA ILE A 358 -29.43 0.00 -25.30
C ILE A 358 -28.09 -0.40 -24.69
N HIS A 359 -27.02 0.30 -25.07
CA HIS A 359 -25.69 -0.02 -24.56
C HIS A 359 -25.54 0.32 -23.08
N ALA A 360 -24.72 -0.49 -22.40
CA ALA A 360 -24.49 -0.30 -20.98
C ALA A 360 -23.95 1.10 -20.69
N HIS A 361 -23.05 1.61 -21.53
CA HIS A 361 -22.47 2.92 -21.29
C HIS A 361 -23.55 4.00 -21.26
N ASP A 362 -24.56 3.87 -22.11
CA ASP A 362 -25.63 4.88 -22.10
C ASP A 362 -26.50 4.76 -20.86
N ILE A 363 -26.76 3.54 -20.41
CA ILE A 363 -27.50 3.36 -19.16
C ILE A 363 -26.75 4.03 -18.00
N GLY A 364 -25.46 3.76 -17.87
CA GLY A 364 -24.71 4.35 -16.76
C GLY A 364 -24.62 5.87 -16.84
N THR A 365 -24.42 6.40 -18.04
CA THR A 365 -24.31 7.85 -18.22
CA THR A 365 -24.29 7.85 -18.12
C THR A 365 -25.63 8.56 -17.90
N ILE A 366 -26.73 8.00 -18.41
CA ILE A 366 -28.01 8.67 -18.20
C ILE A 366 -28.41 8.57 -16.74
N LEU A 367 -28.16 7.41 -16.10
CA LEU A 367 -28.46 7.32 -14.68
C LEU A 367 -27.67 8.35 -13.88
N ASP A 368 -26.39 8.52 -14.20
CA ASP A 368 -25.61 9.53 -13.49
C ASP A 368 -26.16 10.93 -13.72
N SER A 369 -26.77 11.20 -14.88
CA SER A 369 -27.37 12.51 -15.09
C SER A 369 -28.51 12.78 -14.11
N GLU A 370 -29.09 11.73 -13.52
CA GLU A 370 -30.09 11.86 -12.47
C GLU A 370 -29.51 11.56 -11.09
N GLY A 371 -28.19 11.66 -10.93
CA GLY A 371 -27.54 11.50 -9.63
C GLY A 371 -27.22 10.08 -9.22
N ILE A 372 -27.57 9.09 -10.04
CA ILE A 372 -27.46 7.68 -9.67
C ILE A 372 -26.12 7.15 -10.14
N ALA A 373 -25.32 6.65 -9.19
CA ALA A 373 -23.97 6.16 -9.49
C ALA A 373 -23.98 4.64 -9.61
N ILE A 374 -23.78 4.15 -10.83
CA ILE A 374 -23.61 2.71 -11.07
C ILE A 374 -22.32 2.51 -11.86
N ARG A 375 -22.04 1.25 -12.19
CA ARG A 375 -20.89 0.93 -13.02
C ARG A 375 -21.38 0.25 -14.29
N SER A 376 -20.87 0.70 -15.43
CA SER A 376 -21.19 0.09 -16.71
C SER A 376 -19.89 -0.28 -17.40
N GLY A 377 -19.70 -1.56 -17.68
CA GLY A 377 -18.40 -2.01 -18.17
C GLY A 377 -18.22 -3.51 -17.95
N HIS A 378 -16.94 -3.92 -17.91
CA HIS A 378 -16.67 -5.35 -17.75
C HIS A 378 -16.40 -5.76 -16.31
N HIS A 379 -16.32 -4.78 -15.38
CA HIS A 379 -16.18 -5.06 -13.94
C HIS A 379 -14.98 -5.92 -13.62
N CYS A 380 -13.93 -5.81 -14.44
CA CYS A 380 -12.72 -6.61 -14.24
C CYS A 380 -13.02 -8.10 -14.33
N THR A 381 -14.01 -8.49 -15.14
CA THR A 381 -14.32 -9.90 -15.37
C THR A 381 -14.59 -10.08 -16.87
N MET A 382 -13.61 -9.73 -17.68
CA MET A 382 -13.79 -9.87 -19.13
C MET A 382 -14.14 -11.29 -19.55
N PRO A 383 -13.57 -12.35 -18.97
CA PRO A 383 -13.98 -13.70 -19.39
C PRO A 383 -15.45 -13.98 -19.10
N LEU A 384 -16.00 -13.42 -18.04
CA LEU A 384 -17.45 -13.53 -17.80
C LEU A 384 -18.25 -12.85 -18.88
N MET A 385 -17.82 -11.64 -19.28
CA MET A 385 -18.52 -10.95 -20.35
C MET A 385 -18.53 -11.80 -21.61
N ASP A 386 -17.39 -12.44 -21.90
CA ASP A 386 -17.32 -13.33 -23.05
C ASP A 386 -18.28 -14.51 -22.92
N PHE A 387 -18.35 -15.13 -21.72
CA PHE A 387 -19.27 -16.24 -21.50
C PHE A 387 -20.72 -15.85 -21.78
N TYR A 388 -21.12 -14.66 -21.32
CA TYR A 388 -22.49 -14.16 -21.51
C TYR A 388 -22.68 -13.48 -22.86
N ASP A 389 -21.66 -13.46 -23.71
CA ASP A 389 -21.76 -12.90 -25.07
CA ASP A 389 -21.79 -12.90 -25.06
C ASP A 389 -22.24 -11.44 -25.03
N VAL A 390 -21.71 -10.66 -24.08
CA VAL A 390 -21.94 -9.23 -24.02
C VAL A 390 -20.58 -8.54 -23.87
N ALA A 391 -20.52 -7.27 -24.27
CA ALA A 391 -19.29 -6.52 -24.05
C ALA A 391 -19.22 -5.95 -22.64
N ALA A 392 -20.39 -5.71 -22.03
CA ALA A 392 -20.47 -4.98 -20.79
C ALA A 392 -21.83 -5.24 -20.16
N THR A 393 -21.91 -5.04 -18.85
CA THR A 393 -23.18 -4.99 -18.17
C THR A 393 -23.22 -3.71 -17.34
N SER A 394 -24.43 -3.34 -16.92
CA SER A 394 -24.59 -2.26 -15.96
C SER A 394 -24.84 -2.90 -14.62
N ARG A 395 -24.30 -2.30 -13.55
CA ARG A 395 -24.26 -2.96 -12.25
C ARG A 395 -24.75 -2.03 -11.16
N ILE A 396 -25.82 -2.45 -10.48
CA ILE A 396 -26.28 -1.85 -9.23
C ILE A 396 -25.67 -2.65 -8.09
N SER A 397 -24.90 -2.00 -7.22
CA SER A 397 -24.31 -2.71 -6.09
C SER A 397 -24.59 -1.91 -4.83
N MET A 398 -25.29 -2.54 -3.89
CA MET A 398 -25.87 -1.85 -2.74
C MET A 398 -25.15 -2.20 -1.45
N SER A 399 -25.37 -1.31 -0.47
CA SER A 399 -24.88 -1.45 0.89
CA SER A 399 -24.88 -1.44 0.88
C SER A 399 -26.02 -1.16 1.85
N PHE A 400 -25.76 -1.44 3.14
CA PHE A 400 -26.79 -1.25 4.16
C PHE A 400 -27.21 0.22 4.34
N TYR A 401 -26.51 1.20 3.74
CA TYR A 401 -26.98 2.59 3.81
C TYR A 401 -27.84 2.98 2.62
N ASN A 402 -28.10 2.05 1.70
CA ASN A 402 -29.04 2.34 0.63
C ASN A 402 -30.47 2.05 1.08
N THR A 403 -31.44 2.58 0.33
CA THR A 403 -32.83 2.56 0.76
C THR A 403 -33.77 2.06 -0.34
N PHE A 404 -34.96 1.63 0.10
CA PHE A 404 -36.01 1.28 -0.88
C PHE A 404 -36.38 2.47 -1.77
N LYS A 405 -36.44 3.67 -1.20
CA LYS A 405 -36.78 4.84 -2.02
C LYS A 405 -35.72 5.08 -3.10
N GLU A 406 -34.45 4.86 -2.77
CA GLU A 406 -33.40 4.98 -3.79
C GLU A 406 -33.61 3.96 -4.90
N ILE A 407 -33.97 2.74 -4.53
CA ILE A 407 -34.25 1.71 -5.54
C ILE A 407 -35.39 2.15 -6.44
N ASP A 408 -36.48 2.66 -5.84
CA ASP A 408 -37.63 3.13 -6.62
C ASP A 408 -37.18 4.18 -7.63
N TYR A 409 -36.38 5.15 -7.18
CA TYR A 409 -35.96 6.23 -8.06
C TYR A 409 -35.09 5.70 -9.19
N CYS A 410 -34.18 4.77 -8.87
CA CYS A 410 -33.35 4.15 -9.89
C CYS A 410 -34.21 3.48 -10.95
N MET A 411 -35.25 2.75 -10.55
CA MET A 411 -36.06 2.04 -11.54
C MET A 411 -36.84 3.01 -12.40
N GLU A 412 -37.29 4.11 -11.81
CA GLU A 412 -37.96 5.14 -12.60
C GLU A 412 -37.00 5.73 -13.62
N ALA A 413 -35.74 5.93 -13.22
CA ALA A 413 -34.74 6.43 -14.15
C ALA A 413 -34.46 5.43 -15.27
N LEU A 414 -34.44 4.13 -14.94
CA LEU A 414 -34.25 3.12 -15.97
C LEU A 414 -35.41 3.08 -16.96
N GLN A 415 -36.64 3.34 -16.48
CA GLN A 415 -37.75 3.46 -17.41
C GLN A 415 -37.56 4.66 -18.33
N ARG A 416 -37.08 5.77 -17.78
CA ARG A 416 -36.81 6.92 -18.66
C ARG A 416 -35.71 6.62 -19.68
N VAL A 417 -34.70 5.81 -19.31
CA VAL A 417 -33.70 5.42 -20.30
C VAL A 417 -34.36 4.70 -21.48
N LYS A 418 -35.31 3.80 -21.20
CA LYS A 418 -36.01 3.13 -22.29
C LYS A 418 -36.69 4.14 -23.20
N GLU A 419 -37.23 5.20 -22.62
CA GLU A 419 -37.98 6.18 -23.38
C GLU A 419 -37.05 7.03 -24.24
N VAL A 420 -35.81 7.26 -23.79
CA VAL A 420 -34.84 8.00 -24.60
C VAL A 420 -34.62 7.30 -25.93
N PHE A 421 -34.54 5.96 -25.90
CA PHE A 421 -34.21 5.16 -27.08
C PHE A 421 -35.42 4.43 -27.64
N ALA A 422 -36.62 4.99 -27.42
CA ALA A 422 -37.87 4.37 -27.87
C ALA A 422 -37.99 4.23 -29.37
N THR B 17 17.16 33.98 12.46
CA THR B 17 16.53 33.40 11.28
C THR B 17 15.27 34.16 10.85
N SER B 18 15.00 34.13 9.55
CA SER B 18 13.75 34.67 9.00
C SER B 18 12.64 33.62 8.92
N PHE B 19 12.95 32.36 9.22
CA PHE B 19 11.98 31.30 9.09
C PHE B 19 11.06 31.33 10.30
N ASP B 20 9.75 31.51 10.08
CA ASP B 20 8.80 31.70 11.18
C ASP B 20 8.32 30.34 11.70
N VAL B 21 9.22 29.68 12.45
CA VAL B 21 8.91 28.34 12.93
C VAL B 21 7.74 28.37 13.92
N ASN B 22 7.60 29.45 14.68
CA ASN B 22 6.47 29.51 15.61
C ASN B 22 5.14 29.45 14.86
N LYS B 23 5.04 30.17 13.75
CA LYS B 23 3.83 30.11 12.93
C LYS B 23 3.66 28.72 12.31
N ILE B 24 4.74 28.16 11.77
CA ILE B 24 4.67 26.86 11.11
CA ILE B 24 4.65 26.86 11.11
C ILE B 24 4.21 25.78 12.09
N ARG B 25 4.71 25.82 13.33
CA ARG B 25 4.33 24.79 14.29
C ARG B 25 2.82 24.78 14.59
N LYS B 26 2.12 25.89 14.36
CA LYS B 26 0.67 25.89 14.56
CA LYS B 26 0.67 25.87 14.57
C LYS B 26 -0.03 24.98 13.56
N ASP B 27 0.64 24.65 12.47
CA ASP B 27 0.03 23.81 11.45
C ASP B 27 0.06 22.34 11.82
N PHE B 28 0.79 21.95 12.85
CA PHE B 28 1.03 20.55 13.19
C PHE B 28 0.41 20.23 14.55
N PRO B 29 -0.84 19.77 14.59
CA PRO B 29 -1.51 19.57 15.87
C PRO B 29 -0.79 18.63 16.82
N VAL B 30 -0.12 17.61 16.29
CA VAL B 30 0.48 16.58 17.14
C VAL B 30 1.61 17.14 17.99
N LEU B 31 2.19 18.28 17.61
CA LEU B 31 3.34 18.78 18.33
C LEU B 31 2.97 19.34 19.69
N HIS B 32 1.68 19.62 19.91
CA HIS B 32 1.23 20.37 21.06
C HIS B 32 0.58 19.42 22.05
N GLN B 33 1.40 18.54 22.60
CA GLN B 33 0.92 17.66 23.64
C GLN B 33 2.05 17.46 24.62
N LYS B 34 1.72 16.92 25.77
CA LYS B 34 2.68 16.59 26.79
C LYS B 34 2.88 15.09 26.88
N ILE B 35 4.09 14.71 27.22
CA ILE B 35 4.44 13.32 27.51
C ILE B 35 4.71 13.30 29.00
N ASN B 36 3.73 12.83 29.79
CA ASN B 36 3.72 13.06 31.23
C ASN B 36 3.84 14.56 31.49
N GLU B 37 4.83 15.00 32.24
CA GLU B 37 4.86 16.42 32.58
C GLU B 37 5.56 17.27 31.53
N TYR B 38 6.06 16.67 30.45
CA TYR B 38 7.01 17.34 29.56
C TYR B 38 6.41 17.61 28.18
N ASP B 39 6.73 18.76 27.61
CA ASP B 39 6.36 18.98 26.20
C ASP B 39 7.04 17.94 25.33
N LEU B 40 6.27 17.40 24.39
CA LEU B 40 6.87 16.56 23.36
C LEU B 40 7.97 17.33 22.64
N VAL B 41 9.12 16.68 22.44
CA VAL B 41 10.15 17.17 21.53
C VAL B 41 10.35 16.07 20.49
N TYR B 42 9.86 16.28 19.28
CA TYR B 42 9.84 15.22 18.28
C TYR B 42 11.08 15.31 17.39
N PHE B 43 12.09 14.50 17.74
CA PHE B 43 13.38 14.45 17.07
C PHE B 43 13.57 13.10 16.39
N ASP B 44 12.47 12.51 15.88
CA ASP B 44 12.56 11.20 15.24
C ASP B 44 12.00 11.28 13.82
N ASN B 45 12.28 12.40 13.17
CA ASN B 45 11.69 12.64 11.85
C ASN B 45 12.23 11.73 10.76
N ALA B 46 13.43 11.17 10.92
CA ALA B 46 13.95 10.24 9.94
C ALA B 46 13.21 8.91 9.96
N ALA B 47 12.55 8.60 11.07
CA ALA B 47 11.68 7.42 11.14
C ALA B 47 10.34 7.69 10.47
N THR B 48 9.73 8.81 10.83
CA THR B 48 8.56 9.30 10.11
C THR B 48 8.36 10.75 10.53
N THR B 49 7.68 11.51 9.67
CA THR B 49 7.38 12.91 9.97
C THR B 49 5.95 13.10 10.44
N GLN B 50 5.72 14.27 11.05
CA GLN B 50 4.38 14.67 11.44
C GLN B 50 3.70 15.42 10.29
N LYS B 51 2.35 15.50 10.38
CA LYS B 51 1.56 16.00 9.24
C LYS B 51 0.93 17.35 9.56
N PRO B 52 0.93 18.27 8.61
CA PRO B 52 0.20 19.52 8.80
C PRO B 52 -1.29 19.31 8.61
N LYS B 53 -2.07 20.23 9.19
CA LYS B 53 -3.52 20.21 9.06
C LYS B 53 -3.95 20.14 7.61
N ALA B 54 -3.22 20.81 6.71
CA ALA B 54 -3.64 20.76 5.29
C ALA B 54 -3.65 19.33 4.74
N VAL B 55 -2.74 18.47 5.22
CA VAL B 55 -2.69 17.10 4.72
C VAL B 55 -3.79 16.28 5.36
N ILE B 56 -3.96 16.40 6.68
CA ILE B 56 -5.03 15.68 7.37
C ILE B 56 -6.38 16.04 6.78
N ASP B 57 -6.60 17.33 6.51
CA ASP B 57 -7.86 17.81 5.96
C ASP B 57 -8.09 17.32 4.55
N ALA B 58 -7.02 17.23 3.74
CA ALA B 58 -7.20 16.76 2.37
C ALA B 58 -7.70 15.32 2.36
N ILE B 59 -7.16 14.49 3.26
CA ILE B 59 -7.59 13.09 3.34
C ILE B 59 -9.05 13.03 3.80
N ALA B 60 -9.36 13.74 4.88
CA ALA B 60 -10.73 13.72 5.38
C ALA B 60 -11.72 14.24 4.34
N GLN B 61 -11.37 15.33 3.65
CA GLN B 61 -12.27 15.89 2.65
C GLN B 61 -12.53 14.91 1.52
N PHE B 62 -11.50 14.16 1.12
CA PHE B 62 -11.70 13.16 0.08
C PHE B 62 -12.77 12.16 0.51
N TYR B 63 -12.66 11.64 1.72
CA TYR B 63 -13.66 10.67 2.16
C TYR B 63 -15.01 11.33 2.42
N GLU B 64 -15.05 12.63 2.74
CA GLU B 64 -16.32 13.26 3.07
C GLU B 64 -17.06 13.74 1.84
N LYS B 65 -16.37 13.91 0.72
CA LYS B 65 -16.99 14.56 -0.44
C LYS B 65 -16.83 13.79 -1.75
N ASP B 66 -15.67 13.18 -2.00
CA ASP B 66 -15.31 12.76 -3.35
C ASP B 66 -15.10 11.25 -3.52
N ASN B 67 -15.12 10.48 -2.45
CA ASN B 67 -14.66 9.09 -2.52
C ASN B 67 -15.45 8.26 -3.54
N SER B 68 -14.70 7.56 -4.40
CA SER B 68 -15.19 6.60 -5.40
C SER B 68 -13.96 5.95 -5.99
N ASN B 69 -14.16 4.85 -6.71
CA ASN B 69 -12.99 4.25 -7.34
C ASN B 69 -12.64 5.04 -8.60
N VAL B 70 -11.41 4.81 -9.07
CA VAL B 70 -10.83 5.65 -10.13
C VAL B 70 -10.69 4.83 -11.40
N HIS B 71 -10.84 5.53 -12.54
CA HIS B 71 -10.77 5.02 -13.90
C HIS B 71 -12.01 4.23 -14.32
N ARG B 72 -12.34 4.33 -15.61
CA ARG B 72 -13.42 3.56 -16.23
C ARG B 72 -14.75 3.75 -15.50
N GLY B 73 -14.98 4.94 -14.95
CA GLY B 73 -16.23 5.25 -14.30
C GLY B 73 -17.10 6.16 -15.16
N VAL B 74 -18.40 6.11 -14.92
CA VAL B 74 -19.32 7.00 -15.60
C VAL B 74 -19.86 8.07 -14.68
N HIS B 75 -19.78 7.90 -13.36
CA HIS B 75 -20.58 8.74 -12.50
C HIS B 75 -19.72 9.85 -11.90
N ALA B 76 -20.41 10.88 -11.38
CA ALA B 76 -19.76 12.14 -11.07
C ALA B 76 -18.63 12.00 -10.06
N LEU B 77 -18.87 11.26 -8.97
CA LEU B 77 -17.81 11.15 -7.97
CA LEU B 77 -17.83 11.09 -7.96
C LEU B 77 -16.63 10.38 -8.54
N SER B 78 -16.84 9.32 -9.32
CA SER B 78 -15.72 8.60 -9.91
CA SER B 78 -15.71 8.60 -9.90
CA SER B 78 -15.72 8.60 -9.91
C SER B 78 -14.94 9.50 -10.85
N VAL B 79 -15.63 10.30 -11.66
CA VAL B 79 -14.96 11.22 -12.57
C VAL B 79 -14.13 12.23 -11.78
N ARG B 80 -14.69 12.80 -10.72
CA ARG B 80 -13.95 13.75 -9.88
C ARG B 80 -12.73 13.10 -9.26
N ALA B 81 -12.92 11.94 -8.63
CA ALA B 81 -11.84 11.28 -7.91
C ALA B 81 -10.74 10.87 -8.86
N THR B 82 -11.09 10.43 -10.07
CA THR B 82 -10.08 10.02 -11.04
C THR B 82 -9.20 11.21 -11.41
N GLU B 83 -9.80 12.37 -11.68
CA GLU B 83 -8.98 13.53 -12.01
C GLU B 83 -8.16 14.00 -10.82
N MET B 84 -8.68 13.89 -9.59
CA MET B 84 -7.87 14.23 -8.43
CA MET B 84 -7.87 14.22 -8.42
C MET B 84 -6.68 13.30 -8.30
N TYR B 85 -6.88 12.01 -8.54
CA TYR B 85 -5.79 11.02 -8.45
C TYR B 85 -4.73 11.29 -9.52
N GLU B 86 -5.14 11.48 -10.78
CA GLU B 86 -4.16 11.76 -11.81
C GLU B 86 -3.54 13.14 -11.63
N ALA B 87 -4.27 14.10 -11.03
CA ALA B 87 -3.67 15.39 -10.69
C ALA B 87 -2.57 15.23 -9.64
N ALA B 88 -2.78 14.33 -8.69
CA ALA B 88 -1.72 14.05 -7.73
C ALA B 88 -0.48 13.51 -8.43
N ARG B 89 -0.67 12.61 -9.40
CA ARG B 89 0.49 12.11 -10.15
C ARG B 89 1.20 13.24 -10.88
N ALA B 90 0.44 14.15 -11.50
CA ALA B 90 1.07 15.27 -12.19
C ALA B 90 1.84 16.17 -11.21
N LYS B 91 1.32 16.33 -9.98
CA LYS B 91 2.05 17.15 -9.01
C LYS B 91 3.35 16.46 -8.60
N VAL B 92 3.33 15.14 -8.46
CA VAL B 92 4.58 14.39 -8.22
C VAL B 92 5.58 14.66 -9.34
N LYS B 93 5.11 14.59 -10.59
CA LYS B 93 5.99 14.90 -11.71
C LYS B 93 6.64 16.27 -11.54
N ARG B 94 5.85 17.30 -11.20
CA ARG B 94 6.42 18.64 -11.04
C ARG B 94 7.40 18.69 -9.87
N PHE B 95 7.08 17.97 -8.79
CA PHE B 95 7.88 17.98 -7.56
C PHE B 95 9.27 17.40 -7.76
N ILE B 96 9.42 16.39 -8.63
CA ILE B 96 10.72 15.78 -8.88
C ILE B 96 11.27 16.12 -10.25
N ASN B 97 10.60 16.99 -11.00
CA ASN B 97 10.98 17.40 -12.36
C ASN B 97 11.12 16.21 -13.29
N ALA B 98 10.17 15.27 -13.19
CA ALA B 98 10.07 14.21 -14.18
C ALA B 98 9.65 14.82 -15.52
N ARG B 99 10.02 14.14 -16.61
CA ARG B 99 9.62 14.58 -17.94
CA ARG B 99 9.62 14.58 -17.93
C ARG B 99 8.12 14.41 -18.16
N SER B 100 7.53 13.38 -17.56
CA SER B 100 6.12 13.07 -17.81
C SER B 100 5.46 12.45 -16.58
N PRO B 101 4.19 12.74 -16.30
CA PRO B 101 3.51 12.00 -15.23
C PRO B 101 3.48 10.50 -15.48
N ARG B 102 3.57 10.04 -16.73
CA ARG B 102 3.47 8.60 -16.95
CA ARG B 102 3.53 8.60 -17.03
C ARG B 102 4.67 7.84 -16.39
N GLU B 103 5.76 8.54 -16.04
CA GLU B 103 6.94 7.94 -15.42
C GLU B 103 6.81 7.80 -13.91
N CYS B 104 5.72 8.30 -13.32
CA CYS B 104 5.57 8.39 -11.86
C CYS B 104 4.55 7.35 -11.41
N ILE B 105 5.02 6.35 -10.65
CA ILE B 105 4.22 5.19 -10.25
CA ILE B 105 4.23 5.18 -10.25
C ILE B 105 3.93 5.30 -8.76
N PHE B 106 2.66 5.15 -8.39
CA PHE B 106 2.33 5.09 -6.96
C PHE B 106 2.49 3.68 -6.42
N VAL B 107 3.19 3.59 -5.27
CA VAL B 107 3.49 2.34 -4.57
C VAL B 107 3.20 2.59 -3.09
N ARG B 108 3.50 1.61 -2.22
CA ARG B 108 3.32 1.82 -0.77
C ARG B 108 4.40 2.70 -0.18
N GLY B 109 5.60 2.66 -0.73
CA GLY B 109 6.75 3.30 -0.09
C GLY B 109 8.01 3.01 -0.86
N THR B 110 9.10 3.60 -0.36
CA THR B 110 10.41 3.37 -0.96
C THR B 110 10.72 1.89 -1.08
N THR B 111 10.42 1.13 -0.02
CA THR B 111 10.73 -0.30 -0.03
C THR B 111 10.06 -0.98 -1.21
N GLU B 112 8.75 -0.76 -1.41
CA GLU B 112 8.09 -1.43 -2.53
C GLU B 112 8.67 -0.96 -3.87
N ALA B 113 8.99 0.33 -3.98
CA ALA B 113 9.57 0.84 -5.22
C ALA B 113 10.85 0.10 -5.57
N ILE B 114 11.71 -0.15 -4.58
CA ILE B 114 12.96 -0.83 -4.86
C ILE B 114 12.72 -2.29 -5.25
N ASN B 115 11.83 -2.98 -4.52
CA ASN B 115 11.47 -4.35 -4.90
C ASN B 115 10.90 -4.43 -6.31
N LEU B 116 10.09 -3.45 -6.69
CA LEU B 116 9.53 -3.45 -8.05
C LEU B 116 10.64 -3.44 -9.08
N VAL B 117 11.63 -2.55 -8.91
CA VAL B 117 12.72 -2.50 -9.89
C VAL B 117 13.54 -3.80 -9.86
N ALA B 118 13.84 -4.29 -8.65
CA ALA B 118 14.62 -5.51 -8.53
C ALA B 118 13.98 -6.67 -9.26
N GLN B 119 12.66 -6.81 -9.16
CA GLN B 119 11.98 -7.95 -9.76
C GLN B 119 11.58 -7.74 -11.21
N SER B 120 11.32 -6.50 -11.63
CA SER B 120 10.80 -6.23 -12.96
C SER B 120 11.87 -5.82 -13.97
N LEU B 121 12.95 -5.20 -13.52
CA LEU B 121 14.08 -4.89 -14.38
C LEU B 121 15.22 -5.89 -14.22
N VAL B 122 15.68 -6.11 -12.99
CA VAL B 122 16.99 -6.76 -12.82
C VAL B 122 16.86 -8.28 -12.86
N ALA B 123 16.01 -8.85 -12.03
CA ALA B 123 15.90 -10.31 -11.98
C ALA B 123 15.66 -10.98 -13.33
N PRO B 124 14.81 -10.46 -14.22
CA PRO B 124 14.59 -11.15 -15.52
C PRO B 124 15.75 -11.01 -16.50
N ARG B 125 16.75 -10.18 -16.20
CA ARG B 125 17.80 -9.89 -17.16
C ARG B 125 19.19 -10.27 -16.71
N ILE B 126 19.49 -10.19 -15.41
CA ILE B 126 20.89 -10.24 -14.98
C ILE B 126 21.41 -11.67 -15.04
N LEU B 127 22.67 -11.79 -15.41
CA LEU B 127 23.31 -13.10 -15.61
C LEU B 127 24.24 -13.41 -14.45
N PRO B 128 24.64 -14.67 -14.29
CA PRO B 128 25.41 -15.03 -13.09
C PRO B 128 26.76 -14.34 -13.00
N ASP B 129 27.34 -13.95 -14.13
CA ASP B 129 28.65 -13.31 -14.08
C ASP B 129 28.54 -11.79 -13.96
N GLU B 130 27.36 -11.26 -13.64
CA GLU B 130 27.13 -9.82 -13.55
C GLU B 130 27.03 -9.38 -12.10
N GLU B 131 27.01 -8.05 -11.91
CA GLU B 131 27.13 -7.47 -10.57
C GLU B 131 26.10 -6.38 -10.35
N ILE B 132 25.72 -6.22 -9.07
CA ILE B 132 24.91 -5.11 -8.57
C ILE B 132 25.78 -4.40 -7.57
N LEU B 133 25.88 -3.07 -7.67
CA LEU B 133 26.74 -2.30 -6.78
C LEU B 133 25.89 -1.37 -5.93
N ILE B 134 26.11 -1.40 -4.61
CA ILE B 134 25.47 -0.52 -3.62
C ILE B 134 26.58 0.11 -2.77
N THR B 135 26.19 0.99 -1.82
CA THR B 135 27.19 1.51 -0.88
C THR B 135 27.02 0.84 0.48
N HIS B 136 28.07 1.00 1.30
CA HIS B 136 28.03 0.45 2.66
C HIS B 136 26.94 1.07 3.52
N MET B 137 26.46 2.26 3.21
CA MET B 137 25.52 2.95 4.10
C MET B 137 24.06 2.71 3.74
N GLU B 138 23.75 1.78 2.84
CA GLU B 138 22.36 1.60 2.44
C GLU B 138 21.48 1.16 3.61
N HIS B 139 20.27 1.70 3.61
CA HIS B 139 19.17 1.15 4.38
C HIS B 139 18.88 -0.27 3.91
N HIS B 140 18.41 -1.11 4.85
CA HIS B 140 18.10 -2.50 4.48
C HIS B 140 17.18 -2.64 3.28
N SER B 141 16.26 -1.69 3.09
CA SER B 141 15.36 -1.75 1.94
C SER B 141 16.09 -1.54 0.62
N ASN B 142 17.31 -0.99 0.64
CA ASN B 142 18.14 -0.93 -0.56
C ASN B 142 19.29 -1.95 -0.51
N ILE B 143 19.12 -3.01 0.29
CA ILE B 143 20.07 -4.12 0.35
C ILE B 143 19.36 -5.44 0.08
N VAL B 144 18.32 -5.73 0.91
CA VAL B 144 17.66 -7.04 0.84
C VAL B 144 17.10 -7.35 -0.54
N PRO B 145 16.41 -6.45 -1.25
CA PRO B 145 15.89 -6.85 -2.56
C PRO B 145 16.99 -7.32 -3.49
N TRP B 146 18.16 -6.70 -3.43
CA TRP B 146 19.27 -7.09 -4.30
C TRP B 146 19.86 -8.41 -3.84
N GLN B 147 19.93 -8.65 -2.52
CA GLN B 147 20.36 -9.95 -2.03
C GLN B 147 19.44 -11.04 -2.52
N MET B 148 18.13 -10.78 -2.55
CA MET B 148 17.19 -11.78 -3.05
C MET B 148 17.47 -12.11 -4.50
N VAL B 149 17.73 -11.08 -5.32
CA VAL B 149 18.05 -11.32 -6.74
C VAL B 149 19.33 -12.13 -6.86
N CYS B 150 20.37 -11.79 -6.08
CA CYS B 150 21.64 -12.50 -6.19
C CYS B 150 21.51 -13.95 -5.79
N LYS B 151 20.74 -14.23 -4.74
CA LYS B 151 20.57 -15.62 -4.30
C LYS B 151 19.90 -16.44 -5.39
N LYS B 152 18.90 -15.88 -6.06
CA LYS B 152 18.17 -16.64 -7.08
C LYS B 152 18.93 -16.69 -8.40
N MET B 153 19.56 -15.59 -8.81
CA MET B 153 20.09 -15.48 -10.16
C MET B 153 21.59 -15.70 -10.26
N GLY B 154 22.30 -15.79 -9.14
CA GLY B 154 23.71 -16.13 -9.14
C GLY B 154 24.67 -14.96 -9.28
N CYS B 155 24.17 -13.75 -9.54
CA CYS B 155 25.02 -12.57 -9.67
C CYS B 155 25.54 -12.13 -8.29
N LYS B 156 26.47 -11.17 -8.30
CA LYS B 156 27.22 -10.78 -7.09
C LYS B 156 26.84 -9.38 -6.64
N LEU B 157 26.60 -9.21 -5.35
CA LEU B 157 26.37 -7.90 -4.76
C LEU B 157 27.70 -7.31 -4.31
N GLN B 158 28.09 -6.18 -4.87
CA GLN B 158 29.33 -5.51 -4.51
C GLN B 158 28.97 -4.27 -3.68
N VAL B 159 29.88 -3.89 -2.76
CA VAL B 159 29.58 -2.84 -1.79
C VAL B 159 30.70 -1.81 -1.81
N ALA B 160 30.37 -0.58 -2.15
CA ALA B 160 31.37 0.49 -2.15
C ALA B 160 31.59 1.00 -0.72
N PRO B 161 32.84 1.14 -0.29
CA PRO B 161 33.11 1.50 1.09
C PRO B 161 32.94 2.98 1.36
N ILE B 162 32.79 3.29 2.66
CA ILE B 162 32.76 4.66 3.15
C ILE B 162 33.98 4.88 4.04
N SER B 163 34.30 6.16 4.24
CA SER B 163 35.33 6.54 5.20
C SER B 163 34.70 6.81 6.56
N LEU B 164 35.56 6.92 7.58
CA LEU B 164 35.06 7.11 8.94
C LEU B 164 34.16 8.34 9.07
N ASN B 165 34.41 9.39 8.27
CA ASN B 165 33.52 10.56 8.39
C ASN B 165 32.12 10.32 7.81
N GLY B 166 31.85 9.14 7.23
CA GLY B 166 30.53 8.85 6.70
C GLY B 166 30.33 9.19 5.24
N GLU B 167 31.40 9.41 4.49
CA GLU B 167 31.30 9.75 3.07
C GLU B 167 31.68 8.55 2.23
N VAL B 168 31.01 8.40 1.07
CA VAL B 168 31.46 7.42 0.09
C VAL B 168 32.88 7.74 -0.36
N ILE B 169 33.74 6.72 -0.42
CA ILE B 169 35.09 6.92 -0.96
C ILE B 169 34.96 6.85 -2.48
N LEU B 170 34.96 8.01 -3.14
CA LEU B 170 34.61 8.06 -4.55
C LEU B 170 35.59 7.27 -5.40
N GLU B 171 36.87 7.28 -5.04
CA GLU B 171 37.86 6.55 -5.83
C GLU B 171 37.58 5.06 -5.81
N GLU B 172 37.14 4.54 -4.66
CA GLU B 172 36.83 3.11 -4.57
C GLU B 172 35.49 2.77 -5.20
N PHE B 173 34.51 3.69 -5.14
CA PHE B 173 33.27 3.48 -5.87
C PHE B 173 33.56 3.33 -7.36
N GLU B 174 34.38 4.22 -7.90
CA GLU B 174 34.75 4.14 -9.31
C GLU B 174 35.47 2.83 -9.60
N ARG B 175 36.35 2.41 -8.70
CA ARG B 175 37.10 1.17 -8.91
CA ARG B 175 37.10 1.17 -8.91
C ARG B 175 36.20 -0.06 -8.92
N LYS B 176 35.10 -0.03 -8.14
CA LYS B 176 34.20 -1.18 -8.11
C LYS B 176 33.25 -1.24 -9.30
N LEU B 177 33.20 -0.19 -10.12
CA LEU B 177 32.42 -0.22 -11.35
C LEU B 177 33.21 -0.93 -12.44
N ASN B 178 32.52 -1.77 -13.19
CA ASN B 178 33.17 -2.44 -14.31
C ASN B 178 32.11 -2.81 -15.34
N GLU B 179 32.57 -3.41 -16.45
CA GLU B 179 31.67 -3.74 -17.56
C GLU B 179 30.64 -4.79 -17.19
N ASN B 180 30.82 -5.48 -16.07
CA ASN B 180 29.83 -6.43 -15.58
C ASN B 180 28.83 -5.80 -14.60
N THR B 181 28.98 -4.53 -14.24
CA THR B 181 28.06 -3.87 -13.32
C THR B 181 26.79 -3.50 -14.07
N LYS B 182 25.67 -4.16 -13.76
CA LYS B 182 24.45 -3.89 -14.50
CA LYS B 182 24.47 -3.87 -14.52
C LYS B 182 23.49 -2.98 -13.77
N MET B 183 23.48 -3.02 -12.43
CA MET B 183 22.59 -2.22 -11.61
CA MET B 183 22.62 -2.13 -11.67
C MET B 183 23.42 -1.54 -10.53
N VAL B 184 23.21 -0.24 -10.31
CA VAL B 184 23.84 0.49 -9.23
C VAL B 184 22.69 1.09 -8.43
N ALA B 185 22.66 0.81 -7.14
CA ALA B 185 21.54 1.27 -6.32
C ALA B 185 22.14 1.97 -5.13
N ILE B 186 21.89 3.27 -5.00
CA ILE B 186 22.71 4.04 -4.06
C ILE B 186 21.86 5.00 -3.25
N ASN B 187 22.29 5.19 -2.02
CA ASN B 187 21.63 6.11 -1.13
C ASN B 187 21.82 7.57 -1.57
N TYR B 188 20.74 8.35 -1.60
CA TYR B 188 20.90 9.78 -1.84
C TYR B 188 21.33 10.48 -0.54
N ALA B 189 20.47 10.43 0.49
CA ALA B 189 20.80 10.92 1.83
C ALA B 189 20.58 9.81 2.85
N SER B 190 21.49 9.72 3.81
CA SER B 190 21.52 8.60 4.74
C SER B 190 20.64 8.87 5.96
N ASN B 191 19.76 7.92 6.27
CA ASN B 191 18.92 8.03 7.46
C ASN B 191 19.68 7.80 8.76
N SER B 192 20.86 7.20 8.70
CA SER B 192 21.67 6.88 9.86
CA SER B 192 21.64 6.91 9.89
C SER B 192 22.76 7.91 10.11
N LEU B 193 23.42 8.36 9.04
CA LEU B 193 24.55 9.28 9.11
C LEU B 193 24.18 10.71 8.77
N GLY B 194 23.13 10.91 7.97
CA GLY B 194 22.80 12.23 7.47
C GLY B 194 23.52 12.60 6.19
N THR B 195 24.54 11.85 5.79
CA THR B 195 25.34 12.18 4.61
C THR B 195 24.47 12.38 3.38
N ILE B 196 24.73 13.47 2.64
CA ILE B 196 24.20 13.64 1.29
C ILE B 196 25.31 13.24 0.33
N ASN B 197 25.07 12.18 -0.44
CA ASN B 197 26.09 11.67 -1.34
C ASN B 197 26.09 12.45 -2.66
N PRO B 198 27.23 12.49 -3.33
CA PRO B 198 27.36 13.22 -4.62
C PRO B 198 26.80 12.38 -5.76
N VAL B 199 25.46 12.25 -5.78
CA VAL B 199 24.85 11.23 -6.60
C VAL B 199 24.94 11.57 -8.08
N LYS B 200 24.90 12.85 -8.47
CA LYS B 200 25.04 13.16 -9.89
C LYS B 200 26.38 12.67 -10.43
N THR B 201 27.47 12.88 -9.69
CA THR B 201 28.76 12.37 -10.11
C THR B 201 28.80 10.85 -10.11
N MET B 202 28.22 10.23 -9.07
CA MET B 202 28.22 8.78 -9.00
C MET B 202 27.41 8.18 -10.16
N ILE B 203 26.28 8.81 -10.51
CA ILE B 203 25.47 8.34 -11.63
C ILE B 203 26.25 8.43 -12.93
N LYS B 204 26.96 9.53 -13.14
CA LYS B 204 27.75 9.68 -14.35
C LYS B 204 28.82 8.59 -14.44
N MET B 205 29.47 8.29 -13.31
CA MET B 205 30.47 7.22 -13.31
C MET B 205 29.84 5.88 -13.69
N ALA B 206 28.67 5.59 -13.08
CA ALA B 206 27.99 4.32 -13.34
C ALA B 206 27.57 4.20 -14.79
N HIS B 207 27.09 5.31 -15.37
CA HIS B 207 26.66 5.24 -16.75
C HIS B 207 27.82 4.97 -17.70
N GLU B 208 29.04 5.35 -17.31
CA GLU B 208 30.17 5.13 -18.20
C GLU B 208 30.48 3.65 -18.41
N VAL B 209 30.06 2.76 -17.49
CA VAL B 209 30.24 1.33 -17.68
C VAL B 209 28.96 0.66 -18.15
N GLY B 210 27.88 1.41 -18.33
CA GLY B 210 26.65 0.89 -18.86
C GLY B 210 25.63 0.44 -17.83
N ALA B 211 25.84 0.76 -16.55
CA ALA B 211 24.88 0.36 -15.54
C ALA B 211 23.67 1.29 -15.53
N LYS B 212 22.55 0.77 -15.05
CA LYS B 212 21.40 1.60 -14.70
C LYS B 212 21.54 1.96 -13.22
N VAL B 213 20.99 3.10 -12.84
CA VAL B 213 21.19 3.62 -11.47
C VAL B 213 19.85 3.94 -10.84
N LEU B 214 19.60 3.36 -9.67
CA LEU B 214 18.46 3.70 -8.83
C LEU B 214 18.95 4.55 -7.67
N LEU B 215 18.24 5.63 -7.38
CA LEU B 215 18.51 6.41 -6.17
C LEU B 215 17.45 6.12 -5.12
N ASP B 216 17.91 5.86 -3.91
CA ASP B 216 17.04 5.76 -2.74
C ASP B 216 16.91 7.16 -2.17
N GLY B 217 15.78 7.82 -2.44
CA GLY B 217 15.56 9.19 -2.01
C GLY B 217 14.67 9.32 -0.80
N ALA B 218 14.54 8.28 0.03
CA ALA B 218 13.59 8.33 1.14
C ALA B 218 13.88 9.50 2.09
N GLN B 219 15.15 9.76 2.39
CA GLN B 219 15.47 10.90 3.26
C GLN B 219 15.65 12.19 2.48
N ALA B 220 16.25 12.12 1.29
CA ALA B 220 16.59 13.34 0.59
C ALA B 220 15.35 14.14 0.21
N THR B 221 14.25 13.46 -0.13
CA THR B 221 13.10 14.12 -0.73
C THR B 221 12.39 15.06 0.24
N ALA B 222 12.57 14.85 1.55
CA ALA B 222 12.01 15.75 2.54
C ALA B 222 12.83 17.02 2.73
N HIS B 223 14.07 17.05 2.25
CA HIS B 223 15.00 18.08 2.66
C HIS B 223 15.66 18.85 1.54
N LEU B 224 15.60 18.36 0.29
CA LEU B 224 16.33 18.91 -0.82
C LEU B 224 15.36 19.00 -2.00
N ILE B 225 15.68 19.88 -2.95
CA ILE B 225 14.91 19.95 -4.19
C ILE B 225 15.35 18.80 -5.09
N VAL B 226 14.39 17.98 -5.51
CA VAL B 226 14.66 16.80 -6.31
C VAL B 226 14.49 17.16 -7.78
N ASP B 227 15.49 16.85 -8.60
CA ASP B 227 15.40 17.10 -10.05
C ASP B 227 15.98 15.87 -10.75
N VAL B 228 15.08 14.94 -11.14
CA VAL B 228 15.59 13.68 -11.68
C VAL B 228 16.21 13.87 -13.06
N GLN B 229 15.81 14.90 -13.81
CA GLN B 229 16.46 15.12 -15.10
C GLN B 229 17.89 15.62 -14.90
N ASP B 230 18.12 16.53 -13.95
CA ASP B 230 19.49 16.99 -13.71
C ASP B 230 20.37 15.88 -13.17
N LEU B 231 19.85 15.09 -12.22
CA LEU B 231 20.65 14.01 -11.65
C LEU B 231 20.96 12.93 -12.67
N ASP B 232 20.05 12.72 -13.64
CA ASP B 232 20.12 11.69 -14.66
C ASP B 232 20.05 10.28 -14.08
N CYS B 233 19.47 10.12 -12.90
CA CYS B 233 19.21 8.78 -12.40
C CYS B 233 18.22 8.08 -13.32
N ASP B 234 18.27 6.76 -13.32
CA ASP B 234 17.32 5.96 -14.10
C ASP B 234 16.07 5.62 -13.30
N PHE B 235 16.17 5.56 -11.97
CA PHE B 235 15.03 5.36 -11.09
C PHE B 235 15.24 6.20 -9.85
N TYR B 236 14.13 6.58 -9.23
CA TYR B 236 14.12 7.39 -8.00
C TYR B 236 12.95 6.92 -7.14
N ALA B 237 13.21 6.62 -5.85
CA ALA B 237 12.20 6.05 -4.96
C ALA B 237 12.07 6.91 -3.73
N PHE B 238 10.83 7.15 -3.29
CA PHE B 238 10.66 7.88 -2.02
C PHE B 238 9.33 7.51 -1.37
N SER B 239 9.20 7.91 -0.09
CA SER B 239 8.06 7.56 0.75
C SER B 239 7.33 8.81 1.22
N GLY B 240 6.00 8.80 1.08
CA GLY B 240 5.22 9.96 1.52
C GLY B 240 5.34 10.26 3.00
N HIS B 241 5.41 9.23 3.84
CA HIS B 241 5.31 9.49 5.30
C HIS B 241 6.58 10.13 5.82
N MET B 243 7.95 12.63 4.27
CA MET B 243 7.91 14.00 3.73
C MET B 243 6.55 14.62 3.97
N TYR B 244 6.05 14.47 5.20
CA TYR B 244 4.88 15.18 5.72
C TYR B 244 3.58 14.68 5.11
N GLY B 245 3.59 13.52 4.44
CA GLY B 245 2.38 12.96 3.85
C GLY B 245 1.88 11.71 4.60
N PRO B 246 0.80 11.12 4.11
CA PRO B 246 0.21 9.97 4.80
C PRO B 246 1.11 8.74 4.74
N THR B 247 0.83 7.80 5.64
CA THR B 247 1.43 6.47 5.50
C THR B 247 0.81 5.73 4.31
N GLY B 248 1.51 4.69 3.88
CA GLY B 248 0.96 3.81 2.86
C GLY B 248 1.06 4.31 1.44
N ILE B 249 1.83 5.37 1.18
CA ILE B 249 1.97 5.91 -0.18
C ILE B 249 3.43 6.27 -0.42
N GLY B 250 3.90 5.96 -1.61
CA GLY B 250 5.23 6.36 -2.03
C GLY B 250 5.26 6.39 -3.53
N VAL B 251 6.44 6.63 -4.07
CA VAL B 251 6.60 6.82 -5.52
C VAL B 251 7.82 6.05 -6.01
N LEU B 252 7.65 5.38 -7.14
CA LEU B 252 8.75 4.95 -7.99
C LEU B 252 8.69 5.80 -9.24
N TRP B 253 9.72 6.57 -9.51
CA TRP B 253 9.89 7.21 -10.81
C TRP B 253 10.92 6.43 -11.61
N GLY B 254 10.69 6.29 -12.91
CA GLY B 254 11.73 5.74 -13.77
C GLY B 254 11.67 6.33 -15.16
N LYS B 255 12.79 6.27 -15.87
CA LYS B 255 12.79 6.77 -17.25
C LYS B 255 11.79 5.97 -18.07
N GLU B 256 11.00 6.68 -18.89
CA GLU B 256 9.92 6.04 -19.66
C GLU B 256 10.41 4.85 -20.46
N GLU B 257 11.55 4.98 -21.16
CA GLU B 257 11.99 3.88 -22.02
C GLU B 257 12.31 2.64 -21.20
N LEU B 258 12.84 2.81 -19.98
CA LEU B 258 13.12 1.67 -19.12
C LEU B 258 11.83 1.05 -18.60
N LEU B 259 10.92 1.88 -18.08
CA LEU B 259 9.66 1.35 -17.57
C LEU B 259 8.90 0.62 -18.65
N ASN B 260 8.97 1.10 -19.89
CA ASN B 260 8.26 0.41 -20.97
C ASN B 260 8.85 -0.97 -21.20
N SER B 261 10.17 -1.11 -21.03
CA SER B 261 10.85 -2.36 -21.36
C SER B 261 10.76 -3.38 -20.24
N MET B 262 10.41 -2.93 -19.03
CA MET B 262 10.31 -3.82 -17.88
C MET B 262 9.05 -4.68 -17.96
N THR B 263 9.09 -5.83 -17.28
CA THR B 263 7.87 -6.62 -17.14
C THR B 263 6.98 -5.96 -16.10
N PRO B 264 5.70 -6.24 -16.09
CA PRO B 264 4.89 -5.80 -14.94
C PRO B 264 5.40 -6.44 -13.66
N TYR B 265 5.03 -5.83 -12.55
CA TYR B 265 5.35 -6.37 -11.24
C TYR B 265 4.13 -7.13 -10.74
N GLN B 266 3.24 -6.49 -9.98
CA GLN B 266 2.02 -7.17 -9.57
C GLN B 266 1.01 -7.18 -10.71
N GLY B 267 0.23 -8.25 -10.78
CA GLY B 267 -0.76 -8.42 -11.82
C GLY B 267 -2.18 -8.38 -11.29
N GLY B 268 -3.11 -7.91 -12.11
CA GLY B 268 -4.49 -7.98 -11.74
C GLY B 268 -5.29 -6.89 -12.42
N GLY B 269 -6.39 -6.52 -11.78
CA GLY B 269 -7.20 -5.44 -12.32
C GLY B 269 -6.42 -4.15 -12.50
N GLU B 270 -6.93 -3.33 -13.41
CA GLU B 270 -6.47 -1.96 -13.67
C GLU B 270 -5.16 -1.87 -14.42
N MET B 271 -4.27 -2.87 -14.31
CA MET B 271 -2.98 -2.82 -15.01
C MET B 271 -3.02 -3.54 -16.36
N ILE B 272 -4.19 -4.02 -16.77
CA ILE B 272 -4.39 -4.71 -18.03
C ILE B 272 -5.14 -3.80 -19.01
N ASN B 273 -4.96 -4.09 -20.31
CA ASN B 273 -5.87 -3.63 -21.35
C ASN B 273 -6.94 -4.68 -21.64
N SER B 274 -6.57 -5.96 -21.65
CA SER B 274 -7.51 -7.03 -21.95
CA SER B 274 -7.53 -7.01 -21.91
C SER B 274 -7.05 -8.30 -21.24
N VAL B 275 -8.01 -9.07 -20.73
CA VAL B 275 -7.74 -10.37 -20.11
C VAL B 275 -8.62 -11.41 -20.77
N SER B 276 -8.01 -12.45 -21.32
CA SER B 276 -8.72 -13.67 -21.67
C SER B 276 -7.89 -14.83 -21.15
N PHE B 277 -8.43 -16.04 -21.28
CA PHE B 277 -7.64 -17.19 -20.90
C PHE B 277 -6.63 -17.58 -21.98
N GLU B 278 -6.68 -16.95 -23.15
CA GLU B 278 -5.72 -17.21 -24.22
C GLU B 278 -4.64 -16.16 -24.32
N ALA B 279 -4.89 -14.93 -23.85
CA ALA B 279 -3.93 -13.86 -23.97
C ALA B 279 -4.32 -12.76 -22.98
N THR B 280 -3.32 -12.16 -22.32
CA THR B 280 -3.53 -10.96 -21.53
C THR B 280 -2.61 -9.89 -22.07
N GLU B 281 -3.17 -8.71 -22.34
CA GLU B 281 -2.43 -7.55 -22.80
C GLU B 281 -2.40 -6.51 -21.69
N TYR B 282 -1.21 -5.96 -21.42
CA TYR B 282 -1.07 -5.07 -20.29
C TYR B 282 -1.27 -3.60 -20.71
N ALA B 283 -1.60 -2.78 -19.72
CA ALA B 283 -1.79 -1.36 -19.91
C ALA B 283 -0.43 -0.69 -20.11
N ALA B 284 -0.47 0.53 -20.65
CA ALA B 284 0.73 1.35 -20.74
C ALA B 284 1.11 1.89 -19.37
N ILE B 285 2.36 2.33 -19.24
CA ILE B 285 2.73 3.05 -18.02
C ILE B 285 1.86 4.31 -17.89
N PRO B 286 1.56 4.77 -16.67
CA PRO B 286 1.99 4.24 -15.39
C PRO B 286 1.14 3.10 -14.88
N HIS B 287 -0.03 2.91 -15.50
CA HIS B 287 -1.03 1.99 -14.95
C HIS B 287 -0.56 0.54 -15.02
N LYS B 288 0.33 0.23 -15.96
CA LYS B 288 1.03 -1.05 -16.03
C LYS B 288 1.54 -1.54 -14.68
N PHE B 289 1.96 -0.60 -13.82
CA PHE B 289 2.57 -0.93 -12.53
C PHE B 289 1.66 -0.65 -11.34
N GLU B 290 0.37 -0.39 -11.58
CA GLU B 290 -0.58 -0.12 -10.50
C GLU B 290 -1.67 -1.18 -10.58
N ALA B 291 -1.47 -2.28 -9.87
CA ALA B 291 -2.36 -3.44 -9.92
C ALA B 291 -3.40 -3.33 -8.82
N GLY B 292 -4.68 -3.40 -9.21
CA GLY B 292 -5.74 -3.26 -8.22
C GLY B 292 -6.02 -1.81 -7.88
N THR B 293 -7.03 -1.63 -7.04
CA THR B 293 -7.38 -0.30 -6.57
C THR B 293 -6.19 0.37 -5.92
N PRO B 294 -5.81 1.56 -6.33
CA PRO B 294 -4.65 2.21 -5.74
C PRO B 294 -5.01 2.84 -4.41
N ASN B 295 -3.99 3.29 -3.69
CA ASN B 295 -4.24 4.07 -2.49
C ASN B 295 -4.61 5.49 -2.90
N ILE B 296 -5.88 5.66 -3.26
CA ILE B 296 -6.35 6.93 -3.82
C ILE B 296 -6.19 8.06 -2.81
N ALA B 297 -6.63 7.83 -1.58
CA ALA B 297 -6.55 8.88 -0.58
C ALA B 297 -5.11 9.20 -0.23
N GLY B 298 -4.26 8.18 -0.21
CA GLY B 298 -2.85 8.43 0.08
C GLY B 298 -2.20 9.31 -0.97
N ALA B 299 -2.51 9.08 -2.26
CA ALA B 299 -1.97 9.92 -3.32
C ALA B 299 -2.46 11.36 -3.18
N ILE B 300 -3.74 11.54 -2.85
CA ILE B 300 -4.28 12.88 -2.67
C ILE B 300 -3.64 13.56 -1.45
N GLY B 301 -3.42 12.82 -0.37
CA GLY B 301 -2.73 13.38 0.77
C GLY B 301 -1.27 13.72 0.48
N LEU B 302 -0.61 12.90 -0.35
CA LEU B 302 0.77 13.20 -0.73
C LEU B 302 0.83 14.49 -1.55
N ALA B 303 -0.14 14.68 -2.45
CA ALA B 303 -0.20 15.93 -3.19
C ALA B 303 -0.36 17.13 -2.27
N ALA B 304 -1.15 16.99 -1.20
CA ALA B 304 -1.28 18.07 -0.23
C ALA B 304 0.04 18.30 0.50
N ALA B 305 0.79 17.24 0.78
CA ALA B 305 2.09 17.43 1.42
C ALA B 305 3.04 18.21 0.52
N ILE B 306 3.07 17.87 -0.77
CA ILE B 306 3.88 18.64 -1.72
C ILE B 306 3.46 20.10 -1.73
N ASP B 307 2.14 20.39 -1.83
CA ASP B 307 1.68 21.78 -1.77
C ASP B 307 2.14 22.47 -0.51
N TYR B 308 2.11 21.76 0.63
CA TYR B 308 2.52 22.36 1.90
C TYR B 308 4.00 22.71 1.87
N ILE B 309 4.83 21.75 1.46
CA ILE B 309 6.27 22.01 1.32
C ILE B 309 6.51 23.22 0.42
N TRP B 310 5.88 23.24 -0.75
CA TRP B 310 6.05 24.38 -1.65
C TRP B 310 5.64 25.71 -1.00
N SER B 311 4.63 25.68 -0.13
CA SER B 311 4.18 26.92 0.52
C SER B 311 5.22 27.48 1.48
N LEU B 312 6.11 26.63 2.02
CA LEU B 312 7.17 27.08 2.88
C LEU B 312 8.43 27.48 2.12
N ASP B 313 8.65 26.86 0.96
CA ASP B 313 9.77 27.06 0.05
C ASP B 313 10.92 26.17 0.46
N LEU B 314 11.31 25.25 -0.43
CA LEU B 314 12.36 24.32 -0.08
C LEU B 314 13.70 24.99 0.16
N ASP B 315 13.96 26.14 -0.48
CA ASP B 315 15.20 26.86 -0.19
C ASP B 315 15.17 27.40 1.24
N ALA B 316 14.01 27.90 1.67
CA ALA B 316 13.89 28.41 3.04
C ALA B 316 13.98 27.27 4.05
N ILE B 317 13.33 26.14 3.75
CA ILE B 317 13.43 24.97 4.61
C ILE B 317 14.89 24.56 4.76
N ALA B 318 15.61 24.48 3.65
CA ALA B 318 16.99 23.99 3.71
C ALA B 318 17.88 24.95 4.50
N GLU B 319 17.70 26.26 4.31
CA GLU B 319 18.48 27.23 5.09
C GLU B 319 18.25 27.06 6.58
N TYR B 320 16.98 26.92 6.98
CA TYR B 320 16.68 26.79 8.40
C TYR B 320 17.14 25.46 8.96
N GLU B 321 16.93 24.37 8.21
CA GLU B 321 17.38 23.07 8.72
C GLU B 321 18.89 23.01 8.83
N THR B 322 19.61 23.72 7.94
CA THR B 322 21.05 23.85 8.10
C THR B 322 21.40 24.57 9.39
N GLN B 323 20.65 25.63 9.72
CA GLN B 323 20.89 26.30 10.98
C GLN B 323 20.66 25.37 12.16
N LEU B 324 19.58 24.58 12.10
CA LEU B 324 19.31 23.63 13.18
C LEU B 324 20.45 22.61 13.31
N LEU B 325 20.87 22.04 12.17
CA LEU B 325 21.94 21.04 12.21
C LEU B 325 23.22 21.61 12.77
N ASN B 326 23.60 22.82 12.31
CA ASN B 326 24.85 23.41 12.81
C ASN B 326 24.75 23.69 14.29
N TYR B 327 23.60 24.22 14.73
CA TYR B 327 23.42 24.56 16.15
C TYR B 327 23.47 23.31 17.02
N ALA B 328 22.80 22.24 16.59
CA ALA B 328 22.77 21.01 17.40
C ALA B 328 24.12 20.31 17.36
N THR B 329 24.84 20.38 16.25
CA THR B 329 26.15 19.74 16.17
C THR B 329 27.12 20.40 17.15
N LYS B 330 27.18 21.72 17.14
CA LYS B 330 28.02 22.43 18.11
C LYS B 330 27.54 22.14 19.53
N ALA B 331 26.22 22.08 19.73
CA ALA B 331 25.73 21.94 21.10
C ALA B 331 26.02 20.55 21.66
N ILE B 332 25.88 19.50 20.86
CA ILE B 332 26.11 18.16 21.42
C ILE B 332 27.59 17.93 21.67
N GLU B 333 28.46 18.49 20.82
CA GLU B 333 29.89 18.36 21.09
C GLU B 333 30.29 19.11 22.35
N ALA B 334 29.59 20.22 22.65
CA ALA B 334 29.90 20.98 23.86
C ALA B 334 29.43 20.28 25.13
N VAL B 335 28.48 19.35 25.03
CA VAL B 335 28.05 18.62 26.22
C VAL B 335 29.19 17.81 26.81
N LYS B 336 30.00 17.20 25.92
CA LYS B 336 31.17 16.36 26.21
C LYS B 336 30.72 14.94 26.53
N GLY B 337 31.46 13.94 26.03
CA GLY B 337 31.19 12.55 26.26
C GLY B 337 30.45 11.85 25.14
N TYR B 338 29.80 12.59 24.27
CA TYR B 338 29.08 12.02 23.13
C TYR B 338 29.86 12.29 21.85
N ASN B 339 29.98 11.26 21.03
CA ASN B 339 30.73 11.32 19.78
C ASN B 339 29.78 11.17 18.60
N ILE B 340 29.81 12.13 17.68
CA ILE B 340 28.98 12.06 16.48
C ILE B 340 29.55 11.02 15.50
N ILE B 341 28.64 10.22 14.94
CA ILE B 341 28.93 9.27 13.86
CA ILE B 341 28.95 9.29 13.87
C ILE B 341 28.28 9.82 12.61
N GLY B 342 29.11 10.17 11.61
CA GLY B 342 28.58 10.80 10.41
C GLY B 342 28.82 12.29 10.41
N THR B 343 30.00 12.71 9.93
CA THR B 343 30.39 14.12 9.96
C THR B 343 30.71 14.61 8.54
N ALA B 344 29.88 14.22 7.59
CA ALA B 344 30.08 14.59 6.20
C ALA B 344 29.93 16.10 6.02
N ALA B 345 30.56 16.62 4.97
CA ALA B 345 30.47 18.05 4.68
C ALA B 345 29.04 18.45 4.29
N ASN B 346 28.33 17.58 3.59
CA ASN B 346 26.96 17.83 3.17
C ASN B 346 26.03 16.86 3.88
N LYS B 347 25.06 17.38 4.65
CA LYS B 347 24.19 16.53 5.45
C LYS B 347 22.77 17.07 5.48
N VAL B 348 21.80 16.14 5.57
CA VAL B 348 20.44 16.48 6.00
C VAL B 348 20.50 16.58 7.53
N PRO B 349 19.46 17.13 8.20
CA PRO B 349 19.63 17.47 9.65
C PRO B 349 19.45 16.28 10.59
N ILE B 350 20.42 15.38 10.53
CA ILE B 350 20.44 14.15 11.31
C ILE B 350 21.78 14.04 12.02
N ILE B 351 21.75 13.74 13.31
CA ILE B 351 22.97 13.55 14.11
C ILE B 351 22.84 12.21 14.82
N SER B 352 23.64 11.22 14.40
CA SER B 352 23.81 9.97 15.13
CA SER B 352 23.76 10.00 15.18
C SER B 352 24.99 10.11 16.08
N PHE B 353 24.89 9.48 17.26
CA PHE B 353 25.96 9.66 18.23
C PHE B 353 26.00 8.50 19.21
N VAL B 354 27.17 8.35 19.84
CA VAL B 354 27.41 7.27 20.80
C VAL B 354 28.11 7.84 22.02
N HIS B 355 28.00 7.09 23.10
CA HIS B 355 28.74 7.32 24.33
C HIS B 355 29.65 6.12 24.55
N GLY B 356 30.84 6.35 25.11
CA GLY B 356 31.75 5.22 25.28
C GLY B 356 31.35 4.24 26.38
N LYS B 357 30.49 4.64 27.30
CA LYS B 357 30.05 3.78 28.38
C LYS B 357 28.55 3.56 28.41
N ILE B 358 27.75 4.53 27.98
CA ILE B 358 26.31 4.49 28.16
C ILE B 358 25.68 3.90 26.90
N HIS B 359 24.85 2.88 27.09
CA HIS B 359 24.22 2.22 25.96
C HIS B 359 23.21 3.11 25.28
N ALA B 360 23.13 2.98 23.95
CA ALA B 360 22.17 3.76 23.17
C ALA B 360 20.75 3.61 23.70
N HIS B 361 20.35 2.39 24.05
CA HIS B 361 18.96 2.18 24.51
C HIS B 361 18.66 3.01 25.74
N ASP B 362 19.64 3.15 26.64
CA ASP B 362 19.40 3.95 27.85
C ASP B 362 19.29 5.43 27.51
N ILE B 363 20.11 5.92 26.57
CA ILE B 363 19.99 7.30 26.11
C ILE B 363 18.58 7.55 25.59
N GLY B 364 18.10 6.69 24.70
CA GLY B 364 16.79 6.93 24.12
C GLY B 364 15.67 6.85 25.13
N THR B 365 15.73 5.89 26.05
CA THR B 365 14.69 5.72 27.07
CA THR B 365 14.63 5.78 27.00
C THR B 365 14.67 6.91 28.03
N ILE B 366 15.85 7.34 28.50
CA ILE B 366 15.87 8.45 29.45
C ILE B 366 15.44 9.75 28.78
N LEU B 367 15.84 9.97 27.52
CA LEU B 367 15.37 11.16 26.82
C LEU B 367 13.85 11.16 26.70
N ASP B 368 13.26 10.00 26.39
CA ASP B 368 11.81 9.95 26.30
C ASP B 368 11.14 10.25 27.63
N SER B 369 11.80 9.93 28.75
CA SER B 369 11.21 10.24 30.04
C SER B 369 11.07 11.74 30.25
N GLU B 370 11.81 12.54 29.50
CA GLU B 370 11.68 14.00 29.49
C GLU B 370 10.98 14.50 28.23
N GLY B 371 10.20 13.63 27.58
CA GLY B 371 9.39 14.01 26.43
C GLY B 371 10.10 14.00 25.09
N ILE B 372 11.38 13.67 25.05
CA ILE B 372 12.18 13.83 23.84
C ILE B 372 12.19 12.51 23.07
N ALA B 373 11.71 12.55 21.84
CA ALA B 373 11.59 11.35 20.99
C ALA B 373 12.79 11.25 20.04
N ILE B 374 13.65 10.26 20.26
CA ILE B 374 14.75 9.93 19.33
C ILE B 374 14.67 8.45 19.00
N ARG B 375 15.58 7.99 18.16
CA ARG B 375 15.69 6.56 17.85
C ARG B 375 17.03 6.06 18.36
N SER B 376 17.03 4.92 19.06
CA SER B 376 18.26 4.27 19.51
C SER B 376 18.25 2.85 18.99
N GLY B 377 19.21 2.51 18.14
CA GLY B 377 19.20 1.19 17.52
C GLY B 377 20.09 1.16 16.29
N HIS B 378 19.75 0.29 15.36
CA HIS B 378 20.59 0.15 14.17
C HIS B 378 20.06 0.93 12.97
N HIS B 379 18.88 1.51 13.09
CA HIS B 379 18.29 2.38 12.05
C HIS B 379 18.21 1.70 10.70
N CYS B 380 18.02 0.38 10.68
CA CYS B 380 17.95 -0.38 9.45
C CYS B 380 19.23 -0.26 8.65
N THR B 381 20.36 -0.07 9.34
CA THR B 381 21.67 -0.05 8.69
C THR B 381 22.64 -0.89 9.52
N MET B 382 22.33 -2.18 9.67
CA MET B 382 23.23 -3.01 10.48
CA MET B 382 23.21 -3.05 10.46
C MET B 382 24.63 -3.10 9.90
N PRO B 383 24.87 -3.13 8.58
CA PRO B 383 26.26 -3.13 8.11
C PRO B 383 27.03 -1.87 8.49
N LEU B 384 26.38 -0.70 8.56
CA LEU B 384 27.02 0.51 9.06
C LEU B 384 27.43 0.37 10.52
N MET B 385 26.53 -0.15 11.35
CA MET B 385 26.88 -0.38 12.75
C MET B 385 28.12 -1.26 12.85
N ASP B 386 28.16 -2.33 12.04
CA ASP B 386 29.33 -3.19 12.02
C ASP B 386 30.58 -2.41 11.63
N PHE B 387 30.48 -1.54 10.61
CA PHE B 387 31.64 -0.76 10.16
C PHE B 387 32.18 0.13 11.27
N TYR B 388 31.28 0.76 12.02
CA TYR B 388 31.66 1.64 13.13
C TYR B 388 31.93 0.89 14.43
N ASP B 389 31.83 -0.44 14.42
CA ASP B 389 32.12 -1.29 15.58
CA ASP B 389 32.14 -1.26 15.59
C ASP B 389 31.28 -0.88 16.79
N VAL B 390 29.98 -0.66 16.55
CA VAL B 390 29.02 -0.36 17.60
C VAL B 390 27.78 -1.21 17.37
N ALA B 391 27.05 -1.48 18.46
CA ALA B 391 25.80 -2.24 18.31
C ALA B 391 24.67 -1.35 17.83
N ALA B 392 24.72 -0.08 18.18
CA ALA B 392 23.61 0.83 17.98
C ALA B 392 24.13 2.26 18.09
N THR B 393 23.37 3.19 17.56
CA THR B 393 23.61 4.60 17.83
C THR B 393 22.30 5.24 18.26
N SER B 394 22.41 6.43 18.80
CA SER B 394 21.25 7.23 19.13
C SER B 394 21.16 8.32 18.08
N ARG B 395 19.94 8.66 17.66
CA ARG B 395 19.79 9.52 16.49
C ARG B 395 18.78 10.62 16.74
N ILE B 396 19.25 11.86 16.61
CA ILE B 396 18.44 13.06 16.56
C ILE B 396 18.19 13.39 15.10
N SER B 397 16.92 13.47 14.68
CA SER B 397 16.63 13.75 13.28
C SER B 397 15.55 14.83 13.25
N MET B 398 15.91 15.98 12.68
CA MET B 398 15.09 17.17 12.82
C MET B 398 14.38 17.53 11.52
N SER B 399 13.37 18.38 11.70
CA SER B 399 12.60 18.94 10.59
CA SER B 399 12.56 18.94 10.62
C SER B 399 12.43 20.43 10.84
N PHE B 400 11.83 21.11 9.85
CA PHE B 400 11.70 22.57 9.90
C PHE B 400 10.73 23.02 10.98
N TYR B 401 9.97 22.10 11.60
CA TYR B 401 9.14 22.53 12.72
C TYR B 401 9.87 22.37 14.07
N ASN B 402 11.13 21.93 14.07
CA ASN B 402 11.87 21.88 15.32
C ASN B 402 12.55 23.22 15.58
N THR B 403 12.96 23.44 16.84
CA THR B 403 13.42 24.77 17.27
C THR B 403 14.77 24.71 17.99
N PHE B 404 15.42 25.88 18.07
CA PHE B 404 16.66 25.97 18.85
C PHE B 404 16.40 25.66 20.32
N LYS B 405 15.26 26.11 20.86
CA LYS B 405 14.95 25.82 22.26
C LYS B 405 14.82 24.31 22.51
N GLU B 406 14.22 23.59 21.55
CA GLU B 406 14.13 22.13 21.67
C GLU B 406 15.53 21.51 21.68
N ILE B 407 16.42 22.01 20.82
CA ILE B 407 17.79 21.49 20.82
C ILE B 407 18.44 21.72 22.18
N ASP B 408 18.30 22.93 22.73
CA ASP B 408 18.86 23.24 24.05
C ASP B 408 18.33 22.28 25.10
N TYR B 409 17.01 22.06 25.11
CA TYR B 409 16.44 21.15 26.09
C TYR B 409 16.98 19.73 25.92
N CYS B 410 17.12 19.29 24.68
CA CYS B 410 17.65 17.96 24.43
C CYS B 410 19.07 17.82 24.97
N MET B 411 19.88 18.87 24.81
CA MET B 411 21.26 18.78 25.30
C MET B 411 21.30 18.79 26.82
N GLU B 412 20.41 19.54 27.45
CA GLU B 412 20.32 19.47 28.91
C GLU B 412 19.91 18.08 29.36
N ALA B 413 19.01 17.42 28.63
CA ALA B 413 18.67 16.06 29.00
C ALA B 413 19.83 15.10 28.78
N LEU B 414 20.62 15.30 27.73
CA LEU B 414 21.77 14.43 27.50
C LEU B 414 22.81 14.60 28.61
N GLN B 415 22.92 15.80 29.16
CA GLN B 415 23.82 15.97 30.32
C GLN B 415 23.26 15.22 31.52
N ARG B 416 21.94 15.26 31.73
CA ARG B 416 21.37 14.48 32.82
C ARG B 416 21.53 12.97 32.60
N VAL B 417 21.54 12.50 31.35
CA VAL B 417 21.85 11.08 31.12
C VAL B 417 23.24 10.75 31.63
N LYS B 418 24.22 11.61 31.33
CA LYS B 418 25.57 11.39 31.87
C LYS B 418 25.53 11.27 33.39
N GLU B 419 24.68 12.07 34.04
CA GLU B 419 24.66 12.12 35.48
C GLU B 419 23.98 10.90 36.08
N VAL B 420 23.06 10.28 35.34
CA VAL B 420 22.49 9.01 35.79
C VAL B 420 23.59 7.95 35.93
N PHE B 421 24.53 7.96 34.99
CA PHE B 421 25.63 6.99 34.97
C PHE B 421 26.96 7.64 35.34
N ALA B 422 26.91 8.55 36.32
CA ALA B 422 28.09 9.28 36.77
C ALA B 422 29.16 8.41 37.40
#